data_3V5L
#
_entry.id   3V5L
#
_cell.length_a   68.974
_cell.length_b   68.912
_cell.length_c   140.025
_cell.angle_alpha   90.000
_cell.angle_beta   100.520
_cell.angle_gamma   90.000
#
_symmetry.space_group_name_H-M   'P 1 21 1'
#
loop_
_entity.id
_entity.type
_entity.pdbx_description
1 polymer 'Tyrosine-protein kinase ITK/TSK'
2 non-polymer 3-[3-(4-methoxyphenyl)-2-(1H-thieno[3,2-c]pyrazol-3-yl)-1H-indol-6-yl]pentan-3-ol
3 non-polymer 'SULFATE ION'
4 water water
#
_entity_poly.entity_id   1
_entity_poly.type   'polypeptide(L)'
_entity_poly.pdbx_seq_one_letter_code
;GSVIDPSELTFVQEIGSGQFGLVHLGYWLNKDKVAIKTIREGAMSEEDFIEEAEVMMKLSHPKLVQLYGVCLEQAPICLV
FEFMEHGCLSDYLRTQRGLFAAETLLGMCLDVCEGMAYLEEACVIHRDLAARNCLVGENQVIKVSDFGMTRFVLDDQYTS
STGTKFPVKWASPEVFSFSRYSSKSDVWSFGVLMWEVFSEGKIPYENRSNSEVVEDISTGFRLYKPRLASTHVYQIMNHC
WKERPEDRPAFSRLLRQLAEIAESGL
;
_entity_poly.pdbx_strand_id   A,B,C,D
#
# COMPACT_ATOMS: atom_id res chain seq x y z
N GLY A 1 -7.76 46.96 30.27
CA GLY A 1 -7.10 45.68 30.05
C GLY A 1 -6.33 45.62 28.75
N SER A 2 -5.22 46.39 28.67
CA SER A 2 -4.31 46.51 27.52
C SER A 2 -5.00 46.93 26.22
N VAL A 3 -5.60 48.13 26.22
CA VAL A 3 -6.33 48.68 25.08
C VAL A 3 -5.39 49.25 24.01
N ILE A 4 -5.53 48.78 22.77
CA ILE A 4 -4.78 49.21 21.60
C ILE A 4 -5.72 50.01 20.68
N ASP A 5 -5.29 51.21 20.27
CA ASP A 5 -6.05 52.08 19.36
C ASP A 5 -6.05 51.48 17.94
N PRO A 6 -7.18 51.54 17.18
CA PRO A 6 -7.18 50.96 15.81
C PRO A 6 -6.13 51.53 14.86
N SER A 7 -5.76 52.81 15.02
CA SER A 7 -4.76 53.50 14.20
C SER A 7 -3.35 52.92 14.36
N GLU A 8 -3.09 52.22 15.48
CA GLU A 8 -1.80 51.58 15.79
C GLU A 8 -1.60 50.25 15.03
N LEU A 9 -2.68 49.71 14.42
CA LEU A 9 -2.63 48.46 13.69
C LEU A 9 -2.60 48.64 12.17
N THR A 10 -1.76 47.84 11.50
CA THR A 10 -1.61 47.82 10.04
C THR A 10 -1.93 46.40 9.57
N PHE A 11 -3.01 46.23 8.80
CA PHE A 11 -3.45 44.94 8.27
C PHE A 11 -2.71 44.65 6.97
N VAL A 12 -1.88 43.58 6.96
CA VAL A 12 -1.06 43.21 5.81
C VAL A 12 -1.70 42.16 4.91
N GLN A 13 -2.06 40.98 5.48
CA GLN A 13 -2.61 39.86 4.72
C GLN A 13 -3.47 38.96 5.59
N GLU A 14 -4.61 38.49 5.04
CA GLU A 14 -5.49 37.55 5.71
C GLU A 14 -4.76 36.20 5.73
N ILE A 15 -4.62 35.61 6.92
CA ILE A 15 -3.90 34.34 7.11
C ILE A 15 -4.75 33.16 7.55
N GLY A 16 -5.99 33.44 7.99
CA GLY A 16 -6.90 32.40 8.45
C GLY A 16 -8.32 32.86 8.70
N SER A 17 -9.24 31.89 8.80
CA SER A 17 -10.65 32.09 9.07
C SER A 17 -11.17 30.96 9.98
N GLY A 18 -12.02 31.33 10.94
CA GLY A 18 -12.61 30.41 11.91
C GLY A 18 -14.02 30.81 12.30
N GLY A 21 -14.32 34.17 13.42
CA GLY A 21 -12.95 34.47 13.81
C GLY A 21 -11.99 34.54 12.62
N LEU A 22 -11.81 35.75 12.07
CA LEU A 22 -10.94 36.05 10.94
C LEU A 22 -9.55 36.45 11.47
N VAL A 23 -8.44 35.91 10.90
CA VAL A 23 -7.07 36.21 11.35
C VAL A 23 -6.22 36.87 10.24
N HIS A 24 -5.57 38.01 10.57
CA HIS A 24 -4.71 38.76 9.66
C HIS A 24 -3.29 38.90 10.21
N LEU A 25 -2.31 38.82 9.30
CA LEU A 25 -0.91 39.09 9.60
C LEU A 25 -0.82 40.61 9.54
N GLY A 26 -0.21 41.21 10.56
CA GLY A 26 -0.11 42.66 10.62
C GLY A 26 1.04 43.19 11.45
N TYR A 27 1.02 44.50 11.67
CA TYR A 27 2.03 45.20 12.47
C TYR A 27 1.36 46.11 13.51
N TRP A 28 1.91 46.11 14.73
CA TRP A 28 1.46 47.00 15.79
C TRP A 28 2.53 48.06 15.97
N LEU A 29 2.13 49.36 15.89
CA LEU A 29 3.00 50.55 15.98
C LEU A 29 4.08 50.54 14.87
N ASN A 30 3.75 49.94 13.69
CA ASN A 30 4.64 49.76 12.53
C ASN A 30 5.97 49.10 12.92
N LYS A 31 5.93 48.19 13.92
CA LYS A 31 7.12 47.53 14.45
C LYS A 31 6.98 46.01 14.63
N ASP A 32 6.13 45.57 15.57
CA ASP A 32 5.98 44.15 15.88
C ASP A 32 5.04 43.43 14.96
N LYS A 33 5.46 42.23 14.50
CA LYS A 33 4.63 41.36 13.67
C LYS A 33 3.57 40.81 14.61
N VAL A 34 2.30 40.97 14.24
CA VAL A 34 1.17 40.53 15.07
C VAL A 34 0.18 39.69 14.26
N ALA A 35 -0.58 38.84 14.96
CA ALA A 35 -1.65 38.05 14.37
C ALA A 35 -2.94 38.65 14.93
N ILE A 36 -3.62 39.45 14.11
CA ILE A 36 -4.85 40.16 14.49
C ILE A 36 -6.06 39.24 14.29
N LYS A 37 -6.78 38.93 15.38
CA LYS A 37 -7.96 38.08 15.35
C LYS A 37 -9.24 38.90 15.53
N THR A 38 -9.95 39.19 14.42
CA THR A 38 -11.21 39.94 14.42
C THR A 38 -12.39 39.02 14.77
N ILE A 39 -13.38 39.55 15.52
CA ILE A 39 -14.58 38.84 15.95
C ILE A 39 -15.46 38.39 14.76
N MET A 44 -20.41 34.79 18.46
CA MET A 44 -20.04 35.01 19.86
C MET A 44 -20.18 36.46 20.27
N SER A 45 -20.57 36.69 21.54
CA SER A 45 -20.76 38.03 22.12
C SER A 45 -19.42 38.77 22.30
N GLU A 46 -19.47 40.11 22.28
CA GLU A 46 -18.30 40.98 22.44
C GLU A 46 -17.64 40.85 23.82
N GLU A 47 -18.46 40.76 24.89
CA GLU A 47 -18.02 40.62 26.28
C GLU A 47 -17.21 39.35 26.53
N ASP A 48 -17.63 38.20 25.96
CA ASP A 48 -16.96 36.91 26.09
C ASP A 48 -15.62 36.88 25.34
N PHE A 49 -15.54 37.63 24.22
CA PHE A 49 -14.34 37.77 23.38
C PHE A 49 -13.24 38.52 24.13
N ILE A 50 -13.61 39.58 24.88
CA ILE A 50 -12.70 40.39 25.71
C ILE A 50 -12.21 39.55 26.90
N GLU A 51 -13.17 38.91 27.63
CA GLU A 51 -12.92 38.08 28.82
C GLU A 51 -11.92 36.94 28.56
N GLU A 52 -11.97 36.31 27.36
CA GLU A 52 -11.06 35.24 26.95
C GLU A 52 -9.61 35.75 26.89
N ALA A 53 -9.42 36.99 26.40
CA ALA A 53 -8.11 37.64 26.32
C ALA A 53 -7.61 38.03 27.71
N GLU A 54 -8.52 38.55 28.58
CA GLU A 54 -8.22 38.95 29.95
C GLU A 54 -7.68 37.76 30.77
N VAL A 55 -8.27 36.56 30.58
CA VAL A 55 -7.86 35.32 31.23
C VAL A 55 -6.46 34.93 30.73
N MET A 56 -6.25 34.91 29.40
CA MET A 56 -4.98 34.55 28.74
C MET A 56 -3.83 35.49 29.10
N MET A 57 -4.11 36.80 29.26
CA MET A 57 -3.10 37.81 29.60
C MET A 57 -2.52 37.67 31.01
N LYS A 58 -3.16 36.87 31.87
CA LYS A 58 -2.70 36.61 33.25
C LYS A 58 -2.12 35.20 33.42
N LEU A 59 -1.92 34.47 32.30
CA LEU A 59 -1.36 33.11 32.33
C LEU A 59 -0.09 33.08 31.49
N SER A 60 1.06 33.13 32.18
CA SER A 60 2.39 33.21 31.55
C SER A 60 3.20 31.92 31.58
N HIS A 61 3.32 31.27 30.43
CA HIS A 61 4.08 30.03 30.27
C HIS A 61 4.75 30.00 28.88
N PRO A 62 6.00 29.49 28.74
CA PRO A 62 6.64 29.47 27.41
C PRO A 62 5.89 28.67 26.34
N LYS A 63 4.98 27.77 26.74
CA LYS A 63 4.19 26.95 25.82
C LYS A 63 2.71 27.35 25.73
N LEU A 64 2.40 28.62 26.05
CA LEU A 64 1.07 29.21 25.95
C LEU A 64 1.19 30.52 25.16
N VAL A 65 0.34 30.71 24.14
CA VAL A 65 0.34 31.91 23.30
C VAL A 65 0.14 33.21 24.11
N GLN A 66 0.81 34.29 23.67
CA GLN A 66 0.73 35.59 24.34
C GLN A 66 0.03 36.64 23.48
N LEU A 67 -0.57 37.64 24.14
CA LEU A 67 -1.26 38.76 23.52
C LEU A 67 -0.52 40.06 23.77
N TYR A 68 -0.55 40.96 22.78
CA TYR A 68 0.03 42.30 22.90
C TYR A 68 -1.03 43.22 23.52
N GLY A 69 -2.30 42.89 23.28
CA GLY A 69 -3.43 43.63 23.80
C GLY A 69 -4.73 43.38 23.08
N VAL A 70 -5.74 44.22 23.37
CA VAL A 70 -7.09 44.13 22.80
C VAL A 70 -7.45 45.46 22.15
N CYS A 71 -8.07 45.40 20.96
CA CYS A 71 -8.52 46.59 20.24
C CYS A 71 -10.05 46.66 20.24
N LEU A 72 -10.60 47.53 21.10
CA LEU A 72 -12.04 47.75 21.25
C LEU A 72 -12.46 49.02 20.47
N GLU A 73 -13.40 49.82 21.01
CA GLU A 73 -13.94 51.07 20.45
C GLU A 73 -14.66 50.92 19.10
N GLN A 74 -13.96 50.48 18.04
CA GLN A 74 -14.52 50.30 16.70
C GLN A 74 -14.82 48.84 16.36
N ALA A 75 -16.07 48.57 15.94
CA ALA A 75 -16.53 47.24 15.55
C ALA A 75 -16.15 46.94 14.08
N PRO A 76 -15.69 45.71 13.72
CA PRO A 76 -15.51 44.52 14.59
C PRO A 76 -14.28 44.59 15.48
N ILE A 77 -14.47 44.29 16.78
CA ILE A 77 -13.42 44.28 17.81
C ILE A 77 -12.40 43.16 17.54
N CYS A 78 -11.15 43.35 17.98
CA CYS A 78 -10.10 42.36 17.74
C CYS A 78 -9.09 42.17 18.87
N LEU A 79 -8.50 40.98 18.93
CA LEU A 79 -7.44 40.62 19.88
C LEU A 79 -6.13 40.68 19.12
N VAL A 80 -5.09 41.28 19.73
CA VAL A 80 -3.78 41.42 19.10
C VAL A 80 -2.82 40.40 19.72
N PHE A 81 -2.61 39.28 19.01
CA PHE A 81 -1.75 38.18 19.44
C PHE A 81 -0.34 38.33 18.88
N GLU A 82 0.63 37.64 19.51
CA GLU A 82 1.99 37.55 19.00
C GLU A 82 1.93 36.72 17.70
N PHE A 83 2.80 37.02 16.73
CA PHE A 83 2.79 36.27 15.49
C PHE A 83 3.60 34.97 15.61
N MET A 84 2.97 33.84 15.26
CA MET A 84 3.61 32.54 15.29
C MET A 84 3.95 32.15 13.86
N GLU A 85 5.26 32.10 13.56
CA GLU A 85 5.86 31.85 12.24
C GLU A 85 5.29 30.72 11.40
N HIS A 86 4.97 29.56 12.02
CA HIS A 86 4.47 28.42 11.25
C HIS A 86 2.97 28.10 11.37
N GLY A 87 2.19 29.08 11.82
CA GLY A 87 0.75 28.98 11.94
C GLY A 87 0.23 27.89 12.87
N CYS A 88 -1.00 27.41 12.60
CA CYS A 88 -1.60 26.37 13.45
C CYS A 88 -0.99 24.99 13.23
N LEU A 89 -0.86 24.22 14.32
CA LEU A 89 -0.28 22.88 14.36
C LEU A 89 -0.93 21.89 13.38
N SER A 90 -2.28 21.89 13.29
CA SER A 90 -3.04 21.01 12.39
C SER A 90 -2.59 21.15 10.93
N ASP A 91 -2.49 22.40 10.43
CA ASP A 91 -2.05 22.71 9.06
C ASP A 91 -0.57 22.37 8.86
N TYR A 92 0.28 22.71 9.85
CA TYR A 92 1.73 22.47 9.83
C TYR A 92 2.08 20.99 9.69
N LEU A 93 1.32 20.11 10.37
CA LEU A 93 1.50 18.65 10.32
C LEU A 93 1.14 18.10 8.93
N ARG A 94 0.04 18.60 8.33
CA ARG A 94 -0.47 18.19 7.02
C ARG A 94 0.44 18.59 5.86
N THR A 95 0.97 19.83 5.90
CA THR A 95 1.86 20.38 4.87
C THR A 95 3.27 19.77 4.91
N GLN A 96 3.78 19.50 6.13
CA GLN A 96 5.12 18.92 6.32
C GLN A 96 5.09 17.38 6.53
N ARG A 97 4.01 16.72 6.07
CA ARG A 97 3.81 15.27 6.18
C ARG A 97 4.88 14.50 5.39
N GLY A 98 5.50 13.52 6.06
CA GLY A 98 6.55 12.69 5.49
C GLY A 98 7.96 13.19 5.81
N LEU A 99 8.06 14.44 6.30
CA LEU A 99 9.33 15.09 6.65
C LEU A 99 9.64 15.05 8.16
N PHE A 100 8.69 14.57 8.98
CA PHE A 100 8.82 14.50 10.44
C PHE A 100 9.47 13.22 10.93
N ALA A 101 10.33 13.36 11.96
CA ALA A 101 10.98 12.26 12.66
C ALA A 101 10.12 11.98 13.90
N ALA A 102 10.19 10.74 14.43
CA ALA A 102 9.43 10.32 15.61
C ALA A 102 9.73 11.18 16.86
N GLU A 103 11.01 11.56 17.04
CA GLU A 103 11.48 12.39 18.15
C GLU A 103 10.89 13.80 18.10
N THR A 104 10.71 14.36 16.88
CA THR A 104 10.14 15.69 16.65
C THR A 104 8.67 15.71 17.06
N LEU A 105 7.91 14.65 16.69
CA LEU A 105 6.49 14.51 17.02
C LEU A 105 6.26 14.38 18.53
N LEU A 106 7.16 13.67 19.24
CA LEU A 106 7.09 13.49 20.69
C LEU A 106 7.36 14.82 21.41
N GLY A 107 8.31 15.59 20.89
CA GLY A 107 8.68 16.91 21.39
C GLY A 107 7.54 17.89 21.29
N MET A 108 6.73 17.78 20.21
CA MET A 108 5.54 18.60 19.97
C MET A 108 4.49 18.32 21.05
N CYS A 109 4.30 17.02 21.37
CA CYS A 109 3.38 16.55 22.41
C CYS A 109 3.84 17.04 23.80
N LEU A 110 5.16 17.03 24.04
CA LEU A 110 5.78 17.50 25.29
C LEU A 110 5.57 18.99 25.50
N ASP A 111 5.64 19.80 24.41
CA ASP A 111 5.41 21.25 24.46
C ASP A 111 3.98 21.53 24.91
N VAL A 112 2.99 20.85 24.27
CA VAL A 112 1.56 20.98 24.59
C VAL A 112 1.33 20.56 26.05
N CYS A 113 1.90 19.42 26.46
CA CYS A 113 1.78 18.89 27.82
C CYS A 113 2.31 19.83 28.90
N GLU A 114 3.40 20.58 28.60
CA GLU A 114 3.99 21.57 29.50
C GLU A 114 3.01 22.71 29.75
N GLY A 115 2.43 23.23 28.67
CA GLY A 115 1.44 24.29 28.73
C GLY A 115 0.19 23.83 29.46
N MET A 116 -0.23 22.58 29.20
CA MET A 116 -1.40 21.98 29.83
C MET A 116 -1.19 21.70 31.31
N ALA A 117 0.03 21.31 31.72
CA ALA A 117 0.38 21.05 33.13
C ALA A 117 0.31 22.36 33.93
N TYR A 118 0.71 23.49 33.30
CA TYR A 118 0.63 24.82 33.90
C TYR A 118 -0.84 25.21 34.11
N LEU A 119 -1.68 25.03 33.06
CA LEU A 119 -3.11 25.35 33.11
C LEU A 119 -3.84 24.50 34.15
N GLU A 120 -3.44 23.21 34.26
CA GLU A 120 -4.00 22.25 35.22
C GLU A 120 -3.75 22.72 36.66
N GLU A 121 -2.51 23.19 36.96
CA GLU A 121 -2.14 23.68 38.29
C GLU A 121 -2.83 25.01 38.61
N ALA A 122 -3.17 25.80 37.57
CA ALA A 122 -3.87 27.08 37.71
C ALA A 122 -5.41 26.88 37.72
N CYS A 123 -5.86 25.61 37.63
CA CYS A 123 -7.26 25.17 37.60
C CYS A 123 -8.05 25.80 36.44
N VAL A 124 -7.39 25.88 35.27
CA VAL A 124 -7.96 26.42 34.03
C VAL A 124 -8.20 25.26 33.07
N ILE A 125 -9.48 25.04 32.71
CA ILE A 125 -9.91 23.99 31.79
C ILE A 125 -9.98 24.60 30.39
N HIS A 126 -9.25 24.01 29.43
CA HIS A 126 -9.22 24.47 28.04
C HIS A 126 -10.57 24.32 27.35
N ARG A 127 -11.21 23.13 27.47
CA ARG A 127 -12.52 22.75 26.90
C ARG A 127 -12.50 22.48 25.38
N ASP A 128 -11.46 22.91 24.65
CA ASP A 128 -11.35 22.73 23.20
C ASP A 128 -9.91 22.45 22.75
N LEU A 129 -9.20 21.55 23.47
CA LEU A 129 -7.83 21.19 23.11
C LEU A 129 -7.81 20.29 21.87
N ALA A 130 -7.12 20.77 20.82
CA ALA A 130 -6.98 20.12 19.52
C ALA A 130 -5.80 20.75 18.79
N ALA A 131 -5.24 20.05 17.78
CA ALA A 131 -4.11 20.55 16.98
C ALA A 131 -4.44 21.88 16.28
N ARG A 132 -5.73 22.10 15.92
CA ARG A 132 -6.22 23.34 15.29
C ARG A 132 -6.15 24.53 16.27
N ASN A 133 -6.06 24.25 17.58
CA ASN A 133 -5.98 25.27 18.64
C ASN A 133 -4.58 25.37 19.26
N CYS A 134 -3.57 24.94 18.49
CA CYS A 134 -2.16 24.99 18.84
C CYS A 134 -1.40 25.70 17.74
N LEU A 135 -0.33 26.41 18.10
CA LEU A 135 0.46 27.19 17.15
C LEU A 135 1.92 26.75 17.10
N VAL A 136 2.59 26.98 15.95
CA VAL A 136 3.98 26.60 15.73
C VAL A 136 4.81 27.86 15.52
N GLY A 137 5.88 28.00 16.30
CA GLY A 137 6.78 29.15 16.21
C GLY A 137 8.15 28.81 15.68
N GLU A 138 9.15 29.64 16.01
CA GLU A 138 10.55 29.45 15.60
C GLU A 138 11.14 28.22 16.28
N ASN A 139 11.89 27.41 15.52
CA ASN A 139 12.53 26.15 15.93
C ASN A 139 11.50 25.06 16.33
N GLN A 140 10.32 25.09 15.66
CA GLN A 140 9.19 24.17 15.83
C GLN A 140 8.60 24.14 17.24
N VAL A 141 8.69 25.26 17.99
CA VAL A 141 8.14 25.36 19.35
C VAL A 141 6.62 25.41 19.26
N ILE A 142 5.95 24.54 20.04
CA ILE A 142 4.49 24.47 20.05
C ILE A 142 3.91 25.20 21.25
N LYS A 143 2.92 26.06 20.99
CA LYS A 143 2.23 26.81 22.03
C LYS A 143 0.74 26.52 21.95
N VAL A 144 0.10 26.33 23.11
CA VAL A 144 -1.34 26.11 23.19
C VAL A 144 -2.02 27.48 23.04
N SER A 145 -3.02 27.56 22.16
CA SER A 145 -3.77 28.79 21.91
C SER A 145 -5.23 28.62 22.32
N ASP A 146 -6.00 29.74 22.32
CA ASP A 146 -7.44 29.79 22.67
C ASP A 146 -7.78 29.07 23.99
N PHE A 147 -6.97 29.32 25.03
CA PHE A 147 -7.11 28.69 26.35
C PHE A 147 -7.90 29.50 27.39
N GLY A 148 -8.57 30.56 26.96
CA GLY A 148 -9.33 31.44 27.84
C GLY A 148 -10.84 31.36 27.76
N MET A 149 -11.39 30.36 27.02
CA MET A 149 -12.84 30.18 26.85
C MET A 149 -13.53 29.71 28.14
N THR A 150 -14.78 30.17 28.35
CA THR A 150 -15.59 29.84 29.53
C THR A 150 -16.98 29.35 29.11
N PRO A 167 -16.29 20.41 18.57
CA PRO A 167 -16.53 19.08 18.01
C PRO A 167 -16.36 17.96 19.04
N VAL A 168 -17.24 16.94 18.94
CA VAL A 168 -17.26 15.77 19.82
C VAL A 168 -16.07 14.82 19.65
N LYS A 169 -15.36 14.91 18.50
CA LYS A 169 -14.19 14.08 18.18
C LYS A 169 -13.00 14.25 19.15
N TRP A 170 -12.97 15.37 19.91
CA TRP A 170 -11.94 15.67 20.91
C TRP A 170 -12.52 15.59 22.33
N ALA A 171 -13.85 15.41 22.43
CA ALA A 171 -14.57 15.36 23.69
C ALA A 171 -14.54 13.99 24.37
N SER A 172 -14.36 13.99 25.70
CA SER A 172 -14.37 12.80 26.55
C SER A 172 -15.82 12.30 26.68
N PRO A 173 -16.08 11.01 27.05
CA PRO A 173 -17.47 10.56 27.20
C PRO A 173 -18.33 11.36 28.18
N GLU A 174 -17.74 11.82 29.31
CA GLU A 174 -18.46 12.63 30.29
C GLU A 174 -18.78 14.04 29.79
N VAL A 175 -18.04 14.52 28.75
CA VAL A 175 -18.28 15.82 28.14
C VAL A 175 -19.40 15.74 27.09
N PHE A 176 -19.33 14.78 26.14
CA PHE A 176 -20.37 14.66 25.13
C PHE A 176 -21.73 14.15 25.63
N SER A 177 -21.76 13.53 26.82
CA SER A 177 -22.99 13.00 27.43
C SER A 177 -23.53 13.84 28.58
N PHE A 178 -22.65 14.39 29.44
CA PHE A 178 -23.06 15.14 30.64
C PHE A 178 -22.44 16.54 30.80
N SER A 179 -21.60 16.97 29.83
CA SER A 179 -20.89 18.27 29.82
C SER A 179 -20.03 18.49 31.09
N ARG A 180 -19.44 17.39 31.61
CA ARG A 180 -18.59 17.40 32.80
C ARG A 180 -17.16 17.75 32.42
N TYR A 181 -16.88 19.06 32.35
CA TYR A 181 -15.56 19.58 32.01
C TYR A 181 -14.64 19.60 33.23
N SER A 182 -13.40 19.14 33.04
CA SER A 182 -12.35 19.07 34.05
C SER A 182 -10.99 19.00 33.34
N SER A 183 -9.88 18.98 34.11
CA SER A 183 -8.56 18.84 33.51
C SER A 183 -8.38 17.43 32.96
N LYS A 184 -9.12 16.45 33.52
CA LYS A 184 -9.11 15.06 33.06
C LYS A 184 -9.83 14.90 31.72
N SER A 185 -10.80 15.80 31.43
CA SER A 185 -11.50 15.82 30.13
C SER A 185 -10.55 16.43 29.09
N ASP A 186 -9.70 17.39 29.51
CA ASP A 186 -8.67 17.99 28.65
C ASP A 186 -7.60 16.94 28.33
N VAL A 187 -7.36 15.99 29.27
CA VAL A 187 -6.40 14.88 29.13
C VAL A 187 -6.86 13.97 27.97
N TRP A 188 -8.18 13.70 27.88
CA TRP A 188 -8.76 12.91 26.78
C TRP A 188 -8.48 13.62 25.46
N SER A 189 -8.77 14.95 25.41
CA SER A 189 -8.54 15.81 24.24
C SER A 189 -7.07 15.80 23.84
N PHE A 190 -6.16 15.78 24.83
CA PHE A 190 -4.70 15.70 24.63
C PHE A 190 -4.32 14.38 23.95
N GLY A 191 -5.03 13.29 24.31
CA GLY A 191 -4.83 11.97 23.72
C GLY A 191 -5.15 12.00 22.24
N VAL A 192 -6.24 12.69 21.87
CA VAL A 192 -6.66 12.87 20.46
C VAL A 192 -5.63 13.78 19.77
N LEU A 193 -5.14 14.84 20.48
CA LEU A 193 -4.10 15.75 19.99
C LEU A 193 -2.82 14.96 19.70
N MET A 194 -2.43 14.05 20.61
CA MET A 194 -1.28 13.15 20.48
C MET A 194 -1.43 12.29 19.22
N TRP A 195 -2.66 11.81 18.96
CA TRP A 195 -2.98 11.00 17.78
C TRP A 195 -2.85 11.84 16.51
N GLU A 196 -3.33 13.10 16.53
CA GLU A 196 -3.24 14.04 15.40
C GLU A 196 -1.79 14.30 15.01
N VAL A 197 -0.91 14.49 16.02
CA VAL A 197 0.52 14.75 15.85
C VAL A 197 1.24 13.53 15.24
N PHE A 198 1.11 12.35 15.88
CA PHE A 198 1.77 11.12 15.41
C PHE A 198 1.29 10.60 14.04
N SER A 199 0.06 10.96 13.63
CA SER A 199 -0.51 10.60 12.32
C SER A 199 -0.22 11.69 11.28
N GLU A 200 0.43 12.79 11.70
CA GLU A 200 0.82 13.95 10.89
C GLU A 200 -0.36 14.73 10.30
N GLY A 201 -1.31 15.10 11.16
CA GLY A 201 -2.47 15.91 10.80
C GLY A 201 -3.67 15.20 10.22
N LYS A 202 -3.85 13.89 10.51
CA LYS A 202 -5.00 13.14 10.02
C LYS A 202 -6.26 13.54 10.78
N ILE A 203 -7.42 13.51 10.11
CA ILE A 203 -8.71 13.86 10.72
C ILE A 203 -9.17 12.68 11.61
N PRO A 204 -9.39 12.91 12.93
CA PRO A 204 -9.85 11.81 13.80
C PRO A 204 -11.28 11.41 13.44
N TYR A 205 -11.52 10.08 13.32
CA TYR A 205 -12.81 9.48 12.96
C TYR A 205 -13.35 10.12 11.67
N GLU A 206 -12.52 10.10 10.60
CA GLU A 206 -12.80 10.70 9.29
C GLU A 206 -14.10 10.21 8.65
N ASN A 207 -14.89 11.15 8.09
CA ASN A 207 -16.19 10.95 7.42
C ASN A 207 -17.30 10.34 8.30
N ARG A 208 -17.07 10.30 9.64
CA ARG A 208 -18.03 9.77 10.61
C ARG A 208 -18.80 10.91 11.27
N SER A 209 -20.13 10.73 11.43
CA SER A 209 -21.01 11.72 12.05
C SER A 209 -20.84 11.76 13.57
N ASN A 210 -21.41 12.80 14.23
CA ASN A 210 -21.36 13.00 15.68
C ASN A 210 -21.96 11.82 16.45
N SER A 211 -23.10 11.29 15.98
CA SER A 211 -23.79 10.14 16.58
C SER A 211 -22.96 8.87 16.42
N GLU A 212 -22.26 8.73 15.29
CA GLU A 212 -21.40 7.58 14.97
C GLU A 212 -20.19 7.48 15.90
N VAL A 213 -19.52 8.63 16.18
CA VAL A 213 -18.34 8.66 17.06
C VAL A 213 -18.71 8.34 18.53
N VAL A 214 -19.86 8.87 18.99
CA VAL A 214 -20.41 8.67 20.34
C VAL A 214 -20.70 7.18 20.54
N GLU A 215 -21.36 6.53 19.56
CA GLU A 215 -21.71 5.11 19.56
C GLU A 215 -20.46 4.22 19.57
N ASP A 216 -19.44 4.56 18.75
CA ASP A 216 -18.18 3.82 18.66
C ASP A 216 -17.39 3.85 19.98
N ILE A 217 -17.14 5.05 20.53
CA ILE A 217 -16.42 5.25 21.80
C ILE A 217 -17.12 4.53 22.97
N SER A 218 -18.46 4.56 23.00
CA SER A 218 -19.29 3.90 24.02
C SER A 218 -19.11 2.37 24.01
N THR A 219 -18.94 1.77 22.82
CA THR A 219 -18.72 0.33 22.65
C THR A 219 -17.29 -0.10 23.01
N GLY A 220 -16.38 0.87 23.12
CA GLY A 220 -14.99 0.63 23.48
C GLY A 220 -13.97 0.95 22.39
N PHE A 221 -14.45 1.42 21.22
CA PHE A 221 -13.61 1.77 20.08
C PHE A 221 -12.71 2.96 20.38
N ARG A 222 -11.45 2.87 19.96
CA ARG A 222 -10.44 3.92 20.12
C ARG A 222 -9.72 4.12 18.80
N LEU A 223 -9.17 5.34 18.60
CA LEU A 223 -8.41 5.69 17.38
C LEU A 223 -7.24 4.72 17.21
N TYR A 224 -7.03 4.24 15.97
CA TYR A 224 -5.97 3.28 15.62
C TYR A 224 -4.56 3.81 15.92
N LYS A 225 -3.58 2.90 16.07
CA LYS A 225 -2.20 3.27 16.31
C LYS A 225 -1.54 3.74 15.00
N PRO A 226 -1.10 5.02 14.91
CA PRO A 226 -0.45 5.48 13.67
C PRO A 226 0.95 4.88 13.54
N ARG A 227 1.46 4.75 12.29
CA ARG A 227 2.77 4.17 11.96
C ARG A 227 3.93 4.74 12.76
N LEU A 228 4.01 6.07 12.90
CA LEU A 228 5.09 6.77 13.62
C LEU A 228 5.03 6.63 15.14
N ALA A 229 3.88 6.22 15.70
CA ALA A 229 3.71 6.05 17.14
C ALA A 229 4.08 4.64 17.58
N SER A 230 5.04 4.54 18.51
CA SER A 230 5.51 3.27 19.08
C SER A 230 4.45 2.65 20.02
N THR A 231 4.71 1.43 20.51
CA THR A 231 3.83 0.72 21.45
C THR A 231 3.64 1.54 22.74
N HIS A 232 4.74 2.11 23.27
CA HIS A 232 4.74 2.94 24.49
C HIS A 232 3.95 4.23 24.32
N VAL A 233 4.08 4.91 23.16
CA VAL A 233 3.36 6.14 22.82
C VAL A 233 1.85 5.86 22.74
N TYR A 234 1.47 4.73 22.11
CA TYR A 234 0.06 4.31 21.98
C TYR A 234 -0.56 3.93 23.32
N GLN A 235 0.27 3.38 24.25
CA GLN A 235 -0.15 3.05 25.62
C GLN A 235 -0.55 4.33 26.34
N ILE A 236 0.28 5.40 26.19
CA ILE A 236 0.05 6.74 26.76
C ILE A 236 -1.25 7.33 26.20
N MET A 237 -1.49 7.15 24.88
CA MET A 237 -2.72 7.61 24.20
C MET A 237 -3.93 6.92 24.80
N ASN A 238 -3.85 5.58 25.02
CA ASN A 238 -4.94 4.80 25.61
C ASN A 238 -5.15 5.12 27.09
N HIS A 239 -4.09 5.60 27.80
CA HIS A 239 -4.19 6.03 29.20
C HIS A 239 -5.03 7.31 29.27
N CYS A 240 -4.87 8.20 28.26
CA CYS A 240 -5.62 9.45 28.12
C CYS A 240 -7.08 9.13 27.76
N TRP A 241 -7.29 7.99 27.07
CA TRP A 241 -8.60 7.54 26.60
C TRP A 241 -9.34 6.55 27.52
N LYS A 242 -9.04 6.57 28.83
CA LYS A 242 -9.72 5.71 29.79
C LYS A 242 -11.14 6.25 30.01
N GLU A 243 -12.14 5.34 30.04
CA GLU A 243 -13.57 5.65 30.20
C GLU A 243 -13.85 6.61 31.37
N ARG A 244 -13.32 6.29 32.56
CA ARG A 244 -13.47 7.09 33.77
C ARG A 244 -12.38 8.17 33.86
N PRO A 245 -12.75 9.44 34.14
CA PRO A 245 -11.71 10.50 34.23
C PRO A 245 -10.65 10.28 35.33
N GLU A 246 -11.04 9.61 36.44
CA GLU A 246 -10.16 9.29 37.57
C GLU A 246 -9.01 8.33 37.21
N ASP A 247 -9.23 7.46 36.21
CA ASP A 247 -8.23 6.50 35.73
C ASP A 247 -7.21 7.12 34.77
N ARG A 248 -7.52 8.31 34.23
CA ARG A 248 -6.65 9.05 33.31
C ARG A 248 -5.54 9.74 34.10
N PRO A 249 -4.29 9.81 33.57
CA PRO A 249 -3.23 10.50 34.32
C PRO A 249 -3.34 12.03 34.20
N ALA A 250 -2.94 12.75 35.26
CA ALA A 250 -2.94 14.21 35.26
C ALA A 250 -1.83 14.70 34.33
N PHE A 251 -1.95 15.93 33.79
CA PHE A 251 -0.94 16.51 32.89
C PHE A 251 0.45 16.55 33.53
N SER A 252 0.53 16.78 34.85
CA SER A 252 1.76 16.80 35.64
C SER A 252 2.46 15.43 35.56
N ARG A 253 1.67 14.34 35.60
CA ARG A 253 2.15 12.96 35.51
C ARG A 253 2.50 12.61 34.05
N LEU A 254 1.60 12.95 33.10
CA LEU A 254 1.74 12.71 31.66
C LEU A 254 3.05 13.29 31.11
N LEU A 255 3.43 14.49 31.59
CA LEU A 255 4.65 15.19 31.19
C LEU A 255 5.90 14.37 31.44
N ARG A 256 6.02 13.78 32.65
CA ARG A 256 7.16 12.94 33.04
C ARG A 256 7.16 11.60 32.30
N GLN A 257 5.95 11.04 32.04
CA GLN A 257 5.78 9.78 31.30
C GLN A 257 6.26 9.96 29.86
N LEU A 258 5.91 11.09 29.21
CA LEU A 258 6.32 11.41 27.84
C LEU A 258 7.83 11.65 27.76
N ALA A 259 8.40 12.33 28.78
CA ALA A 259 9.83 12.64 28.90
C ALA A 259 10.67 11.37 29.07
N GLU A 260 10.12 10.34 29.75
CA GLU A 260 10.78 9.05 29.99
C GLU A 260 10.93 8.24 28.69
N ILE A 261 9.94 8.34 27.78
CA ILE A 261 9.93 7.65 26.48
C ILE A 261 11.02 8.22 25.55
N ALA A 262 11.31 9.54 25.67
CA ALA A 262 12.33 10.23 24.87
C ALA A 262 13.73 9.77 25.23
N GLY B 1 18.28 -49.89 -20.22
CA GLY B 1 18.50 -49.04 -19.05
C GLY B 1 17.25 -48.82 -18.24
N SER B 2 16.94 -49.80 -17.35
CA SER B 2 15.78 -49.82 -16.43
C SER B 2 14.43 -49.60 -17.15
N VAL B 3 14.07 -50.54 -18.04
CA VAL B 3 12.82 -50.45 -18.80
C VAL B 3 11.64 -50.97 -17.97
N ILE B 4 10.60 -50.12 -17.80
CA ILE B 4 9.37 -50.43 -17.08
C ILE B 4 8.24 -50.61 -18.10
N ASP B 5 7.52 -51.75 -18.01
CA ASP B 5 6.38 -52.07 -18.88
C ASP B 5 5.19 -51.14 -18.54
N PRO B 6 4.41 -50.63 -19.54
CA PRO B 6 3.27 -49.75 -19.22
C PRO B 6 2.23 -50.33 -18.25
N SER B 7 2.07 -51.67 -18.24
CA SER B 7 1.12 -52.37 -17.35
C SER B 7 1.49 -52.25 -15.86
N GLU B 8 2.78 -51.95 -15.57
CA GLU B 8 3.31 -51.79 -14.21
C GLU B 8 3.00 -50.41 -13.61
N LEU B 9 2.51 -49.46 -14.42
CA LEU B 9 2.18 -48.11 -13.96
C LEU B 9 0.68 -47.88 -13.83
N THR B 10 0.27 -47.34 -12.67
CA THR B 10 -1.11 -46.97 -12.37
C THR B 10 -1.13 -45.44 -12.29
N PHE B 11 -1.90 -44.78 -13.15
CA PHE B 11 -2.02 -43.32 -13.18
C PHE B 11 -3.15 -42.91 -12.24
N VAL B 12 -2.82 -42.13 -11.20
CA VAL B 12 -3.77 -41.72 -10.16
C VAL B 12 -4.36 -40.33 -10.40
N GLN B 13 -3.50 -39.30 -10.53
CA GLN B 13 -3.93 -37.91 -10.69
C GLN B 13 -2.86 -37.05 -11.37
N GLU B 14 -3.29 -36.14 -12.26
CA GLU B 14 -2.40 -35.19 -12.93
C GLU B 14 -1.94 -34.18 -11.87
N ILE B 15 -0.62 -33.99 -11.72
CA ILE B 15 -0.05 -33.10 -10.71
C ILE B 15 0.71 -31.88 -11.26
N GLY B 16 1.09 -31.95 -12.54
CA GLY B 16 1.82 -30.87 -13.21
C GLY B 16 1.76 -30.92 -14.72
N SER B 17 2.10 -29.80 -15.36
CA SER B 17 2.11 -29.65 -16.82
C SER B 17 3.30 -28.80 -17.27
N LEU B 22 3.61 -33.42 -19.17
CA LEU B 22 2.67 -33.74 -18.10
C LEU B 22 3.32 -34.59 -17.02
N VAL B 23 2.97 -34.32 -15.75
CA VAL B 23 3.44 -35.08 -14.58
C VAL B 23 2.21 -35.62 -13.84
N HIS B 24 2.19 -36.93 -13.58
CA HIS B 24 1.10 -37.60 -12.90
C HIS B 24 1.58 -38.28 -11.64
N LEU B 25 0.76 -38.24 -10.58
CA LEU B 25 1.03 -39.00 -9.37
C LEU B 25 0.53 -40.39 -9.74
N GLY B 26 1.35 -41.40 -9.47
CA GLY B 26 1.00 -42.76 -9.79
C GLY B 26 1.65 -43.79 -8.90
N TYR B 27 1.45 -45.07 -9.24
CA TYR B 27 2.03 -46.19 -8.52
C TYR B 27 2.80 -47.10 -9.47
N TRP B 28 3.95 -47.60 -9.02
CA TRP B 28 4.72 -48.57 -9.79
C TRP B 28 4.55 -49.90 -9.06
N LEU B 29 4.08 -50.94 -9.78
CA LEU B 29 3.81 -52.29 -9.28
C LEU B 29 2.78 -52.29 -8.13
N ASN B 30 1.82 -51.34 -8.17
CA ASN B 30 0.78 -51.12 -7.15
C ASN B 30 1.38 -51.01 -5.75
N LYS B 31 2.59 -50.41 -5.65
CA LYS B 31 3.33 -50.29 -4.40
C LYS B 31 3.94 -48.90 -4.16
N ASP B 32 4.95 -48.51 -4.95
CA ASP B 32 5.64 -47.24 -4.77
C ASP B 32 4.94 -46.08 -5.42
N LYS B 33 4.81 -44.97 -4.68
CA LYS B 33 4.28 -43.71 -5.19
C LYS B 33 5.34 -43.19 -6.13
N VAL B 34 4.94 -42.81 -7.34
CA VAL B 34 5.86 -42.32 -8.38
C VAL B 34 5.31 -41.06 -9.05
N ALA B 35 6.22 -40.26 -9.63
CA ALA B 35 5.87 -39.09 -10.42
C ALA B 35 6.19 -39.49 -11.85
N ILE B 36 5.15 -39.76 -12.64
CA ILE B 36 5.29 -40.20 -14.03
C ILE B 36 5.33 -38.97 -14.94
N LYS B 37 6.47 -38.75 -15.61
CA LYS B 37 6.65 -37.61 -16.50
C LYS B 37 6.54 -38.03 -17.98
N THR B 38 5.37 -37.78 -18.60
CA THR B 38 5.11 -38.09 -20.01
C THR B 38 5.69 -37.04 -20.94
N ILE B 39 6.23 -37.48 -22.10
CA ILE B 39 6.80 -36.61 -23.13
C ILE B 39 5.71 -35.75 -23.78
N ARG B 40 6.04 -34.49 -24.13
CA ARG B 40 5.11 -33.55 -24.76
C ARG B 40 5.28 -33.56 -26.28
N SER B 45 12.74 -34.47 -28.78
CA SER B 45 12.86 -35.80 -29.38
C SER B 45 12.80 -36.91 -28.33
N GLU B 46 12.43 -38.13 -28.75
CA GLU B 46 12.33 -39.31 -27.89
C GLU B 46 13.70 -39.76 -27.36
N GLU B 47 14.73 -39.77 -28.23
CA GLU B 47 16.10 -40.17 -27.91
C GLU B 47 16.76 -39.30 -26.83
N ASP B 48 16.54 -37.97 -26.88
CA ASP B 48 17.08 -37.01 -25.91
C ASP B 48 16.45 -37.19 -24.53
N PHE B 49 15.13 -37.52 -24.50
CA PHE B 49 14.33 -37.76 -23.31
C PHE B 49 14.83 -38.99 -22.54
N ILE B 50 15.23 -40.06 -23.27
CA ILE B 50 15.77 -41.31 -22.70
C ILE B 50 17.18 -41.06 -22.14
N GLU B 51 18.04 -40.37 -22.92
CA GLU B 51 19.42 -40.05 -22.57
C GLU B 51 19.53 -39.26 -21.25
N GLU B 52 18.60 -38.31 -21.03
CA GLU B 52 18.52 -37.49 -19.81
C GLU B 52 18.36 -38.40 -18.58
N ALA B 53 17.49 -39.43 -18.69
CA ALA B 53 17.24 -40.40 -17.63
C ALA B 53 18.45 -41.30 -17.37
N GLU B 54 19.16 -41.74 -18.44
CA GLU B 54 20.34 -42.59 -18.35
C GLU B 54 21.49 -41.88 -17.60
N VAL B 55 21.63 -40.56 -17.84
CA VAL B 55 22.63 -39.70 -17.19
C VAL B 55 22.30 -39.59 -15.68
N MET B 56 21.03 -39.27 -15.35
CA MET B 56 20.54 -39.12 -13.98
C MET B 56 20.63 -40.40 -13.15
N MET B 57 20.41 -41.57 -13.79
CA MET B 57 20.46 -42.87 -13.12
C MET B 57 21.88 -43.30 -12.68
N LYS B 58 22.91 -42.57 -13.16
CA LYS B 58 24.32 -42.83 -12.80
C LYS B 58 24.91 -41.72 -11.91
N LEU B 59 24.05 -40.82 -11.39
CA LEU B 59 24.45 -39.72 -10.52
C LEU B 59 23.70 -39.85 -9.20
N SER B 60 24.38 -40.41 -8.19
CA SER B 60 23.80 -40.69 -6.88
C SER B 60 24.24 -39.73 -5.79
N HIS B 61 23.35 -38.83 -5.41
CA HIS B 61 23.58 -37.87 -4.35
C HIS B 61 22.27 -37.62 -3.58
N PRO B 62 22.30 -37.51 -2.23
CA PRO B 62 21.04 -37.28 -1.48
C PRO B 62 20.23 -36.05 -1.88
N LYS B 63 20.85 -35.08 -2.56
CA LYS B 63 20.19 -33.85 -2.98
C LYS B 63 19.93 -33.76 -4.50
N LEU B 64 19.90 -34.93 -5.16
CA LEU B 64 19.60 -35.06 -6.58
C LEU B 64 18.47 -36.07 -6.73
N VAL B 65 17.41 -35.72 -7.48
CA VAL B 65 16.25 -36.60 -7.70
C VAL B 65 16.65 -37.96 -8.30
N GLN B 66 15.92 -39.02 -7.90
CA GLN B 66 16.17 -40.37 -8.39
C GLN B 66 15.05 -40.90 -9.26
N LEU B 67 15.38 -41.85 -10.13
CA LEU B 67 14.44 -42.47 -11.04
C LEU B 67 14.29 -43.95 -10.73
N TYR B 68 13.10 -44.49 -10.98
CA TYR B 68 12.82 -45.92 -10.85
C TYR B 68 13.10 -46.59 -12.20
N GLY B 69 12.89 -45.84 -13.28
CA GLY B 69 13.12 -46.33 -14.63
C GLY B 69 12.48 -45.51 -15.73
N VAL B 70 12.42 -46.10 -16.93
CA VAL B 70 11.89 -45.48 -18.14
C VAL B 70 10.86 -46.41 -18.79
N CYS B 71 9.75 -45.85 -19.28
CA CYS B 71 8.70 -46.58 -19.98
C CYS B 71 8.83 -46.25 -21.48
N LEU B 72 9.37 -47.20 -22.26
CA LEU B 72 9.66 -47.06 -23.70
C LEU B 72 8.65 -47.66 -24.67
N GLU B 73 8.05 -48.81 -24.31
CA GLU B 73 7.11 -49.61 -25.11
C GLU B 73 6.12 -48.85 -26.00
N GLN B 74 5.28 -47.96 -25.43
CA GLN B 74 4.28 -47.21 -26.19
C GLN B 74 4.38 -45.70 -26.05
N ALA B 75 3.99 -44.98 -27.13
CA ALA B 75 3.98 -43.52 -27.21
C ALA B 75 2.67 -42.95 -26.62
N PRO B 76 2.69 -41.85 -25.83
CA PRO B 76 3.84 -41.05 -25.41
C PRO B 76 4.68 -41.70 -24.31
N ILE B 77 6.01 -41.76 -24.53
CA ILE B 77 7.00 -42.35 -23.61
C ILE B 77 7.10 -41.54 -22.32
N CYS B 78 7.49 -42.19 -21.20
CA CYS B 78 7.58 -41.51 -19.92
C CYS B 78 8.73 -41.95 -19.02
N LEU B 79 9.14 -41.04 -18.11
CA LEU B 79 10.19 -41.30 -17.11
C LEU B 79 9.47 -41.54 -15.77
N VAL B 80 9.90 -42.57 -15.05
CA VAL B 80 9.32 -42.95 -13.75
C VAL B 80 10.24 -42.45 -12.63
N PHE B 81 9.92 -41.27 -12.07
CA PHE B 81 10.68 -40.63 -11.00
C PHE B 81 10.15 -41.02 -9.64
N GLU B 82 10.98 -40.85 -8.58
CA GLU B 82 10.54 -41.03 -7.20
C GLU B 82 9.56 -39.88 -6.91
N PHE B 83 8.57 -40.10 -6.04
CA PHE B 83 7.60 -39.06 -5.72
C PHE B 83 8.09 -38.18 -4.58
N MET B 84 8.04 -36.85 -4.79
CA MET B 84 8.46 -35.86 -3.80
C MET B 84 7.20 -35.20 -3.23
N GLU B 85 6.94 -35.48 -1.94
CA GLU B 85 5.77 -35.06 -1.16
C GLU B 85 5.29 -33.62 -1.34
N HIS B 86 6.22 -32.64 -1.35
CA HIS B 86 5.85 -31.23 -1.46
C HIS B 86 6.05 -30.60 -2.85
N GLY B 87 6.32 -31.45 -3.83
CA GLY B 87 6.49 -31.06 -5.23
C GLY B 87 7.52 -30.00 -5.53
N CYS B 88 7.16 -29.12 -6.48
CA CYS B 88 7.95 -28.00 -7.03
C CYS B 88 8.36 -26.99 -5.95
N LEU B 89 9.67 -26.65 -5.88
CA LEU B 89 10.20 -25.68 -4.91
C LEU B 89 9.62 -24.28 -5.08
N SER B 90 9.51 -23.78 -6.33
CA SER B 90 8.95 -22.46 -6.62
C SER B 90 7.51 -22.31 -6.09
N ASP B 91 6.67 -23.36 -6.27
CA ASP B 91 5.29 -23.38 -5.79
C ASP B 91 5.24 -23.51 -4.27
N TYR B 92 6.09 -24.38 -3.69
CA TYR B 92 6.17 -24.61 -2.23
C TYR B 92 6.54 -23.33 -1.47
N LEU B 93 7.52 -22.55 -1.98
CA LEU B 93 7.95 -21.28 -1.38
C LEU B 93 6.78 -20.27 -1.35
N ARG B 94 6.03 -20.20 -2.47
CA ARG B 94 4.88 -19.32 -2.65
C ARG B 94 3.70 -19.69 -1.73
N THR B 95 3.34 -21.00 -1.66
CA THR B 95 2.23 -21.50 -0.84
C THR B 95 2.50 -21.33 0.66
N GLN B 96 3.77 -21.53 1.10
CA GLN B 96 4.18 -21.45 2.50
C GLN B 96 4.82 -20.11 2.91
N ARG B 97 4.62 -19.05 2.09
CA ARG B 97 5.15 -17.70 2.33
C ARG B 97 4.69 -17.13 3.68
N GLY B 98 5.64 -16.58 4.43
CA GLY B 98 5.40 -16.00 5.75
C GLY B 98 5.57 -16.98 6.91
N LEU B 99 5.66 -18.28 6.60
CA LEU B 99 5.80 -19.35 7.59
C LEU B 99 7.25 -19.85 7.72
N PHE B 100 8.18 -19.29 6.92
CA PHE B 100 9.59 -19.68 6.92
C PHE B 100 10.48 -18.82 7.80
N ALA B 101 11.39 -19.49 8.52
CA ALA B 101 12.43 -18.84 9.31
C ALA B 101 13.62 -18.70 8.37
N ALA B 102 14.49 -17.68 8.58
CA ALA B 102 15.68 -17.43 7.75
C ALA B 102 16.60 -18.66 7.65
N GLU B 103 16.76 -19.41 8.77
CA GLU B 103 17.59 -20.62 8.83
C GLU B 103 17.08 -21.73 7.90
N THR B 104 15.74 -21.85 7.76
CA THR B 104 15.11 -22.85 6.88
C THR B 104 15.43 -22.53 5.42
N LEU B 105 15.32 -21.24 5.04
CA LEU B 105 15.61 -20.75 3.69
C LEU B 105 17.08 -20.98 3.33
N LEU B 106 18.00 -20.76 4.29
CA LEU B 106 19.43 -20.99 4.08
C LEU B 106 19.70 -22.50 3.92
N GLY B 107 18.97 -23.32 4.67
CA GLY B 107 19.05 -24.78 4.60
C GLY B 107 18.66 -25.31 3.23
N MET B 108 17.65 -24.69 2.61
CA MET B 108 17.16 -25.01 1.25
C MET B 108 18.26 -24.73 0.23
N CYS B 109 18.92 -23.56 0.35
CA CYS B 109 20.03 -23.14 -0.50
C CYS B 109 21.21 -24.10 -0.34
N LEU B 110 21.47 -24.55 0.91
CA LEU B 110 22.54 -25.49 1.24
C LEU B 110 22.29 -26.85 0.57
N ASP B 111 21.02 -27.34 0.58
CA ASP B 111 20.62 -28.59 -0.06
C ASP B 111 20.91 -28.55 -1.57
N VAL B 112 20.48 -27.47 -2.25
CA VAL B 112 20.69 -27.26 -3.69
C VAL B 112 22.20 -27.20 -3.99
N CYS B 113 22.95 -26.44 -3.18
CA CYS B 113 24.40 -26.29 -3.33
C CYS B 113 25.16 -27.60 -3.18
N GLU B 114 24.69 -28.50 -2.28
CA GLU B 114 25.28 -29.83 -2.07
C GLU B 114 25.15 -30.66 -3.34
N GLY B 115 23.95 -30.69 -3.92
CA GLY B 115 23.65 -31.40 -5.16
C GLY B 115 24.45 -30.83 -6.32
N MET B 116 24.54 -29.49 -6.39
CA MET B 116 25.28 -28.78 -7.42
C MET B 116 26.79 -28.96 -7.30
N ALA B 117 27.32 -29.09 -6.06
CA ALA B 117 28.75 -29.33 -5.81
C ALA B 117 29.14 -30.72 -6.33
N TYR B 118 28.23 -31.71 -6.20
CA TYR B 118 28.42 -33.08 -6.68
C TYR B 118 28.45 -33.08 -8.22
N LEU B 119 27.49 -32.38 -8.87
CA LEU B 119 27.41 -32.29 -10.34
C LEU B 119 28.63 -31.59 -10.93
N GLU B 120 29.10 -30.51 -10.29
CA GLU B 120 30.27 -29.73 -10.67
C GLU B 120 31.53 -30.61 -10.71
N GLU B 121 31.73 -31.45 -9.67
CA GLU B 121 32.87 -32.39 -9.59
C GLU B 121 32.76 -33.46 -10.67
N ALA B 122 31.53 -33.89 -10.99
CA ALA B 122 31.22 -34.88 -12.03
C ALA B 122 31.25 -34.25 -13.44
N CYS B 123 31.52 -32.93 -13.52
CA CYS B 123 31.58 -32.11 -14.74
C CYS B 123 30.24 -32.13 -15.51
N VAL B 124 29.13 -32.08 -14.75
CA VAL B 124 27.77 -32.05 -15.29
C VAL B 124 27.23 -30.63 -15.14
N ILE B 125 26.93 -29.98 -16.28
CA ILE B 125 26.37 -28.64 -16.32
C ILE B 125 24.84 -28.79 -16.39
N HIS B 126 24.12 -28.19 -15.43
CA HIS B 126 22.66 -28.26 -15.37
C HIS B 126 22.01 -27.53 -16.54
N ARG B 127 22.46 -26.28 -16.82
CA ARG B 127 21.99 -25.39 -17.90
C ARG B 127 20.63 -24.72 -17.64
N ASP B 128 19.82 -25.27 -16.71
CA ASP B 128 18.50 -24.72 -16.39
C ASP B 128 18.19 -24.76 -14.88
N LEU B 129 19.17 -24.33 -14.04
CA LEU B 129 18.97 -24.32 -12.59
C LEU B 129 18.06 -23.16 -12.20
N ALA B 130 16.94 -23.49 -11.52
CA ALA B 130 15.91 -22.57 -11.06
C ALA B 130 15.06 -23.28 -10.00
N ALA B 131 14.32 -22.51 -9.17
CA ALA B 131 13.44 -23.07 -8.13
C ALA B 131 12.38 -24.01 -8.73
N ARG B 132 11.93 -23.74 -9.97
CA ARG B 132 10.97 -24.57 -10.70
C ARG B 132 11.54 -25.96 -11.05
N ASN B 133 12.89 -26.10 -11.09
CA ASN B 133 13.56 -27.34 -11.41
C ASN B 133 14.14 -28.04 -10.17
N CYS B 134 13.60 -27.68 -8.99
CA CYS B 134 13.95 -28.28 -7.71
C CYS B 134 12.70 -28.87 -7.07
N LEU B 135 12.86 -29.91 -6.27
CA LEU B 135 11.77 -30.63 -5.62
C LEU B 135 11.90 -30.64 -4.10
N VAL B 136 10.76 -30.65 -3.39
CA VAL B 136 10.68 -30.62 -1.93
C VAL B 136 10.12 -31.96 -1.43
N GLY B 137 10.89 -32.65 -0.60
CA GLY B 137 10.49 -33.93 -0.04
C GLY B 137 10.09 -33.85 1.41
N GLU B 138 10.16 -35.00 2.11
CA GLU B 138 9.84 -35.11 3.54
C GLU B 138 10.90 -34.36 4.35
N ASN B 139 10.43 -33.61 5.37
CA ASN B 139 11.25 -32.78 6.27
C ASN B 139 11.91 -31.59 5.55
N GLN B 140 11.22 -31.06 4.52
CA GLN B 140 11.61 -29.92 3.69
C GLN B 140 12.96 -30.08 2.95
N VAL B 141 13.37 -31.34 2.69
CA VAL B 141 14.63 -31.64 1.98
C VAL B 141 14.49 -31.22 0.51
N ILE B 142 15.49 -30.48 -0.01
CA ILE B 142 15.46 -30.03 -1.40
C ILE B 142 16.35 -30.90 -2.29
N LYS B 143 15.79 -31.35 -3.42
CA LYS B 143 16.54 -32.13 -4.41
C LYS B 143 16.53 -31.38 -5.73
N VAL B 144 17.67 -31.39 -6.43
CA VAL B 144 17.80 -30.76 -7.76
C VAL B 144 17.24 -31.77 -8.77
N SER B 145 16.35 -31.30 -9.67
CA SER B 145 15.73 -32.15 -10.70
C SER B 145 16.15 -31.69 -12.09
N ASP B 146 15.78 -32.48 -13.14
CA ASP B 146 16.06 -32.21 -14.56
C ASP B 146 17.53 -31.83 -14.82
N PHE B 147 18.46 -32.60 -14.23
CA PHE B 147 19.90 -32.35 -14.29
C PHE B 147 20.67 -33.13 -15.36
N GLY B 148 19.97 -33.85 -16.23
CA GLY B 148 20.58 -34.65 -17.28
C GLY B 148 20.46 -34.12 -18.69
N MET B 149 20.03 -32.86 -18.86
CA MET B 149 19.86 -32.22 -20.18
C MET B 149 21.20 -31.99 -20.89
N THR B 150 21.21 -32.18 -22.22
CA THR B 150 22.41 -31.99 -23.06
C THR B 150 22.15 -30.98 -24.16
N PRO B 167 13.62 -18.42 -19.64
CA PRO B 167 14.92 -18.99 -19.26
C PRO B 167 16.03 -17.94 -19.05
N VAL B 168 15.94 -16.78 -19.74
CA VAL B 168 16.90 -15.67 -19.70
C VAL B 168 17.10 -15.09 -18.28
N LYS B 169 16.03 -15.06 -17.45
CA LYS B 169 16.06 -14.53 -16.09
C LYS B 169 17.03 -15.28 -15.14
N TRP B 170 17.42 -16.52 -15.50
CA TRP B 170 18.34 -17.36 -14.73
C TRP B 170 19.70 -17.52 -15.44
N ALA B 171 19.81 -17.03 -16.68
CA ALA B 171 21.02 -17.12 -17.50
C ALA B 171 22.06 -16.06 -17.18
N SER B 172 23.34 -16.47 -17.15
CA SER B 172 24.49 -15.60 -16.93
C SER B 172 24.74 -14.75 -18.21
N PRO B 173 25.48 -13.61 -18.14
CA PRO B 173 25.71 -12.81 -19.37
C PRO B 173 26.34 -13.56 -20.53
N GLU B 174 27.33 -14.43 -20.25
CA GLU B 174 28.01 -15.23 -21.28
C GLU B 174 27.10 -16.31 -21.91
N VAL B 175 26.00 -16.66 -21.22
CA VAL B 175 25.01 -17.62 -21.71
C VAL B 175 23.98 -16.92 -22.61
N PHE B 176 23.36 -15.82 -22.14
CA PHE B 176 22.37 -15.11 -22.95
C PHE B 176 22.92 -14.40 -24.19
N SER B 177 24.24 -14.11 -24.20
CA SER B 177 24.91 -13.45 -25.31
C SER B 177 25.71 -14.39 -26.23
N PHE B 178 26.43 -15.38 -25.65
CA PHE B 178 27.30 -16.29 -26.42
C PHE B 178 27.06 -17.79 -26.25
N SER B 179 26.10 -18.20 -25.40
CA SER B 179 25.76 -19.60 -25.09
C SER B 179 26.96 -20.39 -24.52
N ARG B 180 27.78 -19.72 -23.70
CA ARG B 180 28.96 -20.30 -23.06
C ARG B 180 28.57 -20.91 -21.71
N TYR B 181 28.13 -22.17 -21.73
CA TYR B 181 27.70 -22.90 -20.54
C TYR B 181 28.89 -23.51 -19.81
N SER B 182 28.86 -23.42 -18.46
CA SER B 182 29.88 -23.97 -17.56
C SER B 182 29.26 -24.13 -16.18
N SER B 183 30.03 -24.67 -15.21
CA SER B 183 29.55 -24.78 -13.83
C SER B 183 29.43 -23.37 -13.21
N LYS B 184 30.22 -22.40 -13.73
CA LYS B 184 30.17 -20.99 -13.29
C LYS B 184 28.91 -20.29 -13.80
N SER B 185 28.35 -20.75 -14.94
CA SER B 185 27.09 -20.22 -15.47
C SER B 185 25.94 -20.76 -14.61
N ASP B 186 26.10 -22.00 -14.08
CA ASP B 186 25.14 -22.62 -13.16
C ASP B 186 25.19 -21.87 -11.83
N VAL B 187 26.37 -21.33 -11.44
CA VAL B 187 26.57 -20.54 -10.22
C VAL B 187 25.71 -19.27 -10.26
N TRP B 188 25.67 -18.58 -11.42
CA TRP B 188 24.83 -17.39 -11.61
C TRP B 188 23.36 -17.76 -11.39
N SER B 189 22.92 -18.88 -12.00
CA SER B 189 21.56 -19.42 -11.89
C SER B 189 21.24 -19.75 -10.43
N PHE B 190 22.25 -20.26 -9.67
CA PHE B 190 22.10 -20.57 -8.25
C PHE B 190 21.87 -19.29 -7.45
N GLY B 191 22.55 -18.21 -7.86
CA GLY B 191 22.39 -16.88 -7.26
C GLY B 191 20.95 -16.40 -7.38
N VAL B 192 20.34 -16.63 -8.56
CA VAL B 192 18.93 -16.28 -8.83
C VAL B 192 18.02 -17.20 -8.01
N LEU B 193 18.37 -18.51 -7.91
CA LEU B 193 17.63 -19.50 -7.12
C LEU B 193 17.63 -19.08 -5.64
N MET B 194 18.78 -18.59 -5.13
CA MET B 194 18.94 -18.09 -3.76
C MET B 194 17.98 -16.92 -3.54
N TRP B 195 17.85 -16.03 -4.56
CA TRP B 195 16.95 -14.89 -4.52
C TRP B 195 15.50 -15.38 -4.45
N GLU B 196 15.13 -16.39 -5.27
CA GLU B 196 13.79 -16.99 -5.29
C GLU B 196 13.42 -17.57 -3.92
N VAL B 197 14.39 -18.23 -3.26
CA VAL B 197 14.20 -18.86 -1.94
C VAL B 197 14.00 -17.79 -0.85
N PHE B 198 14.93 -16.82 -0.73
CA PHE B 198 14.84 -15.76 0.26
C PHE B 198 13.69 -14.78 0.05
N SER B 199 13.20 -14.65 -1.20
CA SER B 199 12.03 -13.80 -1.51
C SER B 199 10.72 -14.59 -1.34
N GLU B 200 10.83 -15.88 -0.99
CA GLU B 200 9.72 -16.82 -0.77
C GLU B 200 8.87 -17.05 -2.04
N GLY B 201 9.54 -17.33 -3.14
CA GLY B 201 8.91 -17.65 -4.42
C GLY B 201 8.46 -16.49 -5.27
N LYS B 202 9.10 -15.31 -5.12
CA LYS B 202 8.78 -14.15 -5.97
C LYS B 202 9.37 -14.38 -7.36
N ILE B 203 8.75 -13.79 -8.40
CA ILE B 203 9.22 -13.91 -9.78
C ILE B 203 10.39 -12.95 -9.99
N PRO B 204 11.59 -13.43 -10.43
CA PRO B 204 12.70 -12.51 -10.69
C PRO B 204 12.42 -11.65 -11.92
N TYR B 205 12.75 -10.33 -11.86
CA TYR B 205 12.54 -9.35 -12.94
C TYR B 205 11.10 -9.44 -13.48
N GLU B 206 10.10 -9.39 -12.56
CA GLU B 206 8.67 -9.52 -12.85
C GLU B 206 8.16 -8.54 -13.91
N ASN B 207 7.36 -9.07 -14.86
CA ASN B 207 6.75 -8.33 -15.99
C ASN B 207 7.73 -7.63 -16.94
N ARG B 208 9.03 -7.99 -16.86
CA ARG B 208 10.08 -7.45 -17.72
C ARG B 208 10.41 -8.44 -18.83
N SER B 209 10.57 -7.94 -20.07
CA SER B 209 10.89 -8.75 -21.25
C SER B 209 12.34 -9.22 -21.24
N ASN B 210 12.68 -10.21 -22.10
CA ASN B 210 14.04 -10.76 -22.24
C ASN B 210 15.05 -9.68 -22.61
N SER B 211 14.67 -8.73 -23.50
CA SER B 211 15.51 -7.62 -23.92
C SER B 211 15.75 -6.64 -22.76
N GLU B 212 14.74 -6.45 -21.89
CA GLU B 212 14.80 -5.57 -20.72
C GLU B 212 15.76 -6.12 -19.66
N VAL B 213 15.73 -7.43 -19.38
CA VAL B 213 16.61 -8.08 -18.39
C VAL B 213 18.08 -8.05 -18.82
N VAL B 214 18.34 -8.27 -20.13
CA VAL B 214 19.67 -8.27 -20.75
C VAL B 214 20.29 -6.87 -20.64
N GLU B 215 19.48 -5.81 -20.90
CA GLU B 215 19.90 -4.41 -20.81
C GLU B 215 20.24 -4.00 -19.38
N ASP B 216 19.42 -4.43 -18.39
CA ASP B 216 19.62 -4.13 -16.97
C ASP B 216 20.91 -4.75 -16.42
N ILE B 217 21.10 -6.07 -16.65
CA ILE B 217 22.29 -6.83 -16.21
C ILE B 217 23.60 -6.31 -16.83
N SER B 218 23.55 -5.93 -18.13
CA SER B 218 24.71 -5.38 -18.85
C SER B 218 25.14 -4.01 -18.29
N THR B 219 24.16 -3.21 -17.80
CA THR B 219 24.40 -1.89 -17.21
C THR B 219 24.90 -1.96 -15.74
N GLY B 220 24.81 -3.15 -15.14
CA GLY B 220 25.27 -3.40 -13.77
C GLY B 220 24.19 -3.62 -12.73
N PHE B 221 22.91 -3.63 -13.15
CA PHE B 221 21.76 -3.84 -12.27
C PHE B 221 21.69 -5.30 -11.78
N ARG B 222 21.36 -5.47 -10.50
CA ARG B 222 21.19 -6.78 -9.85
C ARG B 222 19.89 -6.83 -9.07
N LEU B 223 19.34 -8.05 -8.86
CA LEU B 223 18.10 -8.26 -8.11
C LEU B 223 18.21 -7.71 -6.69
N TYR B 224 17.16 -7.04 -6.20
CA TYR B 224 17.11 -6.41 -4.86
C TYR B 224 17.33 -7.42 -3.73
N LYS B 225 17.76 -6.92 -2.55
CA LYS B 225 17.97 -7.75 -1.38
C LYS B 225 16.61 -8.11 -0.75
N PRO B 226 16.21 -9.41 -0.73
CA PRO B 226 14.93 -9.77 -0.09
C PRO B 226 14.96 -9.48 1.41
N ARG B 227 13.80 -9.15 1.99
CA ARG B 227 13.64 -8.81 3.42
C ARG B 227 14.24 -9.86 4.37
N LEU B 228 14.02 -11.16 4.08
CA LEU B 228 14.53 -12.26 4.90
C LEU B 228 16.02 -12.56 4.70
N ALA B 229 16.66 -11.94 3.70
CA ALA B 229 18.09 -12.14 3.41
C ALA B 229 18.96 -11.13 4.14
N SER B 230 19.95 -11.64 4.90
CA SER B 230 20.91 -10.81 5.64
C SER B 230 21.95 -10.20 4.69
N THR B 231 22.80 -9.31 5.21
CA THR B 231 23.88 -8.65 4.46
C THR B 231 24.84 -9.70 3.88
N HIS B 232 25.23 -10.70 4.70
CA HIS B 232 26.12 -11.80 4.32
C HIS B 232 25.52 -12.69 3.24
N VAL B 233 24.21 -12.98 3.33
CA VAL B 233 23.46 -13.79 2.35
C VAL B 233 23.46 -13.05 1.00
N TYR B 234 23.15 -11.74 1.01
CA TYR B 234 23.12 -10.90 -0.19
C TYR B 234 24.51 -10.75 -0.83
N GLN B 235 25.58 -10.77 0.01
CA GLN B 235 26.97 -10.72 -0.46
C GLN B 235 27.28 -11.97 -1.30
N ILE B 236 26.82 -13.15 -0.83
CA ILE B 236 26.98 -14.44 -1.52
C ILE B 236 26.24 -14.41 -2.87
N MET B 237 25.00 -13.84 -2.89
CA MET B 237 24.18 -13.68 -4.10
C MET B 237 24.95 -12.86 -5.15
N ASN B 238 25.55 -11.72 -4.71
CA ASN B 238 26.33 -10.84 -5.58
C ASN B 238 27.64 -11.48 -6.05
N HIS B 239 28.18 -12.43 -5.27
CA HIS B 239 29.39 -13.19 -5.65
C HIS B 239 29.04 -14.13 -6.81
N CYS B 240 27.79 -14.68 -6.80
CA CYS B 240 27.26 -15.54 -7.87
C CYS B 240 26.97 -14.69 -9.10
N TRP B 241 26.68 -13.40 -8.90
CA TRP B 241 26.34 -12.46 -9.96
C TRP B 241 27.51 -11.60 -10.48
N LYS B 242 28.75 -12.08 -10.34
CA LYS B 242 29.94 -11.38 -10.86
C LYS B 242 29.92 -11.49 -12.38
N GLU B 243 30.22 -10.38 -13.09
CA GLU B 243 30.21 -10.29 -14.55
C GLU B 243 31.02 -11.40 -15.23
N ARG B 244 32.28 -11.60 -14.79
CA ARG B 244 33.17 -12.63 -15.34
C ARG B 244 32.95 -13.96 -14.61
N PRO B 245 32.82 -15.10 -15.35
CA PRO B 245 32.63 -16.39 -14.67
C PRO B 245 33.77 -16.80 -13.74
N GLU B 246 35.01 -16.36 -14.06
CA GLU B 246 36.21 -16.64 -13.24
C GLU B 246 36.18 -15.98 -11.86
N ASP B 247 35.44 -14.86 -11.71
CA ASP B 247 35.29 -14.13 -10.45
C ASP B 247 34.23 -14.74 -9.53
N ARG B 248 33.36 -15.60 -10.08
CA ARG B 248 32.32 -16.30 -9.33
C ARG B 248 32.91 -17.48 -8.57
N PRO B 249 32.44 -17.81 -7.35
CA PRO B 249 33.01 -18.97 -6.64
C PRO B 249 32.44 -20.29 -7.17
N ALA B 250 33.21 -21.38 -7.06
CA ALA B 250 32.75 -22.71 -7.47
C ALA B 250 31.71 -23.20 -6.44
N PHE B 251 30.89 -24.21 -6.80
CA PHE B 251 29.88 -24.75 -5.88
C PHE B 251 30.49 -25.35 -4.62
N SER B 252 31.68 -25.97 -4.73
CA SER B 252 32.41 -26.54 -3.59
C SER B 252 32.78 -25.45 -2.58
N ARG B 253 33.14 -24.25 -3.08
CA ARG B 253 33.47 -23.09 -2.24
C ARG B 253 32.20 -22.45 -1.68
N LEU B 254 31.16 -22.26 -2.53
CA LEU B 254 29.86 -21.68 -2.15
C LEU B 254 29.25 -22.42 -0.97
N LEU B 255 29.33 -23.76 -0.99
CA LEU B 255 28.82 -24.66 0.03
C LEU B 255 29.35 -24.30 1.42
N ARG B 256 30.68 -24.14 1.55
CA ARG B 256 31.33 -23.78 2.80
C ARG B 256 31.03 -22.34 3.22
N GLN B 257 30.89 -21.43 2.24
CA GLN B 257 30.54 -20.02 2.48
C GLN B 257 29.14 -19.91 3.09
N LEU B 258 28.17 -20.70 2.56
CA LEU B 258 26.80 -20.74 3.05
C LEU B 258 26.74 -21.38 4.45
N ALA B 259 27.50 -22.48 4.66
CA ALA B 259 27.59 -23.20 5.93
C ALA B 259 28.16 -22.32 7.05
N GLU B 260 29.12 -21.44 6.70
CA GLU B 260 29.77 -20.50 7.62
C GLU B 260 28.78 -19.44 8.13
N ILE B 261 27.84 -19.01 7.26
CA ILE B 261 26.80 -18.01 7.58
C ILE B 261 25.76 -18.58 8.55
N ALA B 262 25.48 -19.90 8.47
CA ALA B 262 24.53 -20.61 9.34
C ALA B 262 24.96 -20.58 10.81
N GLU B 263 26.28 -20.67 11.07
CA GLU B 263 26.86 -20.65 12.41
C GLU B 263 27.03 -19.22 12.95
N SER B 264 27.46 -18.28 12.08
CA SER B 264 27.68 -16.87 12.42
C SER B 264 26.38 -16.10 12.64
N GLY B 265 25.43 -16.25 11.72
CA GLY B 265 24.13 -15.57 11.76
C GLY B 265 23.87 -14.72 10.54
N GLY C 1 -25.86 -38.25 10.51
CA GLY C 1 -25.83 -37.44 9.30
C GLY C 1 -24.78 -37.90 8.31
N SER C 2 -25.14 -38.89 7.45
CA SER C 2 -24.30 -39.50 6.41
C SER C 2 -22.95 -40.04 6.92
N VAL C 3 -23.02 -41.04 7.81
CA VAL C 3 -21.83 -41.65 8.42
C VAL C 3 -21.14 -42.63 7.48
N ILE C 4 -19.83 -42.43 7.27
CA ILE C 4 -18.94 -43.27 6.46
C ILE C 4 -18.03 -44.05 7.43
N ASP C 5 -17.92 -45.37 7.23
CA ASP C 5 -17.06 -46.24 8.04
C ASP C 5 -15.58 -46.00 7.66
N PRO C 6 -14.61 -45.98 8.61
CA PRO C 6 -13.20 -45.74 8.23
C PRO C 6 -12.61 -46.70 7.21
N SER C 7 -13.06 -47.98 7.21
CA SER C 7 -12.59 -49.01 6.28
C SER C 7 -12.94 -48.73 4.80
N GLU C 8 -13.95 -47.86 4.56
CA GLU C 8 -14.42 -47.47 3.23
C GLU C 8 -13.53 -46.39 2.58
N LEU C 9 -12.62 -45.79 3.36
CA LEU C 9 -11.73 -44.75 2.88
C LEU C 9 -10.32 -45.24 2.62
N THR C 10 -9.77 -44.88 1.45
CA THR C 10 -8.41 -45.20 1.05
C THR C 10 -7.66 -43.86 0.99
N PHE C 11 -6.61 -43.72 1.80
CA PHE C 11 -5.81 -42.49 1.85
C PHE C 11 -4.63 -42.64 0.89
N VAL C 12 -4.62 -41.83 -0.19
CA VAL C 12 -3.60 -41.90 -1.24
C VAL C 12 -2.43 -40.95 -1.00
N GLN C 13 -2.70 -39.63 -0.88
CA GLN C 13 -1.65 -38.62 -0.74
C GLN C 13 -2.13 -37.37 -0.02
N GLU C 14 -1.29 -36.82 0.87
CA GLU C 14 -1.58 -35.57 1.57
C GLU C 14 -1.45 -34.44 0.52
N ILE C 15 -2.51 -33.64 0.37
CA ILE C 15 -2.57 -32.56 -0.62
C ILE C 15 -2.68 -31.14 -0.02
N GLY C 16 -2.94 -31.07 1.29
CA GLY C 16 -3.07 -29.81 2.01
C GLY C 16 -2.93 -29.94 3.51
N SER C 17 -2.59 -28.81 4.17
CA SER C 17 -2.40 -28.72 5.62
C SER C 17 -2.83 -27.35 6.13
N GLY C 21 -7.64 -28.70 9.36
CA GLY C 21 -6.60 -29.71 9.50
C GLY C 21 -5.96 -30.12 8.19
N LEU C 22 -5.58 -31.40 8.09
CA LEU C 22 -4.93 -31.98 6.90
C LEU C 22 -5.95 -32.41 5.85
N VAL C 23 -5.59 -32.27 4.57
CA VAL C 23 -6.43 -32.70 3.45
C VAL C 23 -5.68 -33.79 2.67
N HIS C 24 -6.34 -34.93 2.42
CA HIS C 24 -5.77 -36.05 1.70
C HIS C 24 -6.57 -36.40 0.44
N LEU C 25 -5.87 -36.68 -0.67
CA LEU C 25 -6.50 -37.19 -1.89
C LEU C 25 -6.73 -38.66 -1.56
N GLY C 26 -7.93 -39.16 -1.81
CA GLY C 26 -8.27 -40.53 -1.52
C GLY C 26 -9.43 -41.07 -2.31
N TYR C 27 -9.91 -42.26 -1.92
CA TYR C 27 -11.04 -42.92 -2.55
C TYR C 27 -12.06 -43.39 -1.53
N TRP C 28 -13.35 -43.28 -1.87
CA TRP C 28 -14.43 -43.79 -1.04
C TRP C 28 -15.04 -44.99 -1.76
N LEU C 29 -15.12 -46.15 -1.06
CA LEU C 29 -15.62 -47.43 -1.58
C LEU C 29 -14.80 -47.91 -2.79
N ASN C 30 -13.49 -47.57 -2.82
CA ASN C 30 -12.54 -47.87 -3.92
C ASN C 30 -13.11 -47.41 -5.27
N LYS C 31 -13.82 -46.27 -5.27
CA LYS C 31 -14.49 -45.76 -6.45
C LYS C 31 -14.35 -44.25 -6.65
N ASP C 32 -15.04 -43.43 -5.83
CA ASP C 32 -15.05 -41.98 -5.97
C ASP C 32 -13.80 -41.33 -5.42
N LYS C 33 -13.23 -40.41 -6.20
CA LYS C 33 -12.10 -39.58 -5.80
C LYS C 33 -12.65 -38.60 -4.78
N VAL C 34 -12.02 -38.54 -3.61
CA VAL C 34 -12.47 -37.66 -2.52
C VAL C 34 -11.32 -36.85 -1.94
N ALA C 35 -11.66 -35.74 -1.28
CA ALA C 35 -10.71 -34.91 -0.54
C ALA C 35 -11.12 -35.11 0.90
N ILE C 36 -10.32 -35.88 1.64
CA ILE C 36 -10.61 -36.21 3.02
C ILE C 36 -9.93 -35.18 3.93
N LYS C 37 -10.74 -34.44 4.70
CA LYS C 37 -10.24 -33.43 5.63
C LYS C 37 -10.22 -33.99 7.05
N THR C 38 -9.03 -34.36 7.54
CA THR C 38 -8.86 -34.88 8.91
C THR C 38 -8.66 -33.73 9.88
N ILE C 39 -9.37 -33.78 11.02
CA ILE C 39 -9.28 -32.77 12.08
C ILE C 39 -7.87 -32.68 12.68
N ARG C 40 -7.44 -31.45 13.01
CA ARG C 40 -6.17 -31.19 13.67
C ARG C 40 -6.48 -31.14 15.17
N GLU C 41 -5.95 -32.12 15.93
CA GLU C 41 -6.19 -32.25 17.37
C GLU C 41 -5.70 -31.02 18.16
N GLY C 42 -6.63 -30.36 18.84
CA GLY C 42 -6.36 -29.17 19.64
C GLY C 42 -6.80 -27.86 19.00
N ALA C 43 -6.83 -27.82 17.65
CA ALA C 43 -7.23 -26.64 16.87
C ALA C 43 -8.70 -26.26 17.07
N MET C 44 -9.61 -27.25 17.03
CA MET C 44 -11.05 -27.07 17.22
C MET C 44 -11.70 -28.34 17.82
N SER C 45 -12.92 -28.19 18.38
CA SER C 45 -13.66 -29.32 18.96
C SER C 45 -14.24 -30.22 17.87
N GLU C 46 -14.40 -31.52 18.19
CA GLU C 46 -14.95 -32.53 17.29
C GLU C 46 -16.41 -32.23 16.91
N GLU C 47 -17.19 -31.67 17.87
CA GLU C 47 -18.61 -31.32 17.72
C GLU C 47 -18.83 -30.21 16.69
N ASP C 48 -18.00 -29.13 16.75
CA ASP C 48 -18.08 -28.00 15.82
C ASP C 48 -17.68 -28.41 14.40
N PHE C 49 -16.68 -29.31 14.29
CA PHE C 49 -16.17 -29.87 13.03
C PHE C 49 -17.28 -30.61 12.28
N ILE C 50 -18.06 -31.44 13.01
CA ILE C 50 -19.20 -32.20 12.48
C ILE C 50 -20.36 -31.26 12.13
N GLU C 51 -20.66 -30.27 13.01
CA GLU C 51 -21.73 -29.28 12.83
C GLU C 51 -21.57 -28.50 11.52
N GLU C 52 -20.32 -28.16 11.14
CA GLU C 52 -19.99 -27.43 9.91
C GLU C 52 -20.41 -28.24 8.68
N ALA C 53 -20.11 -29.56 8.68
CA ALA C 53 -20.48 -30.48 7.61
C ALA C 53 -22.00 -30.63 7.50
N GLU C 54 -22.69 -30.68 8.65
CA GLU C 54 -24.16 -30.79 8.73
C GLU C 54 -24.84 -29.58 8.09
N VAL C 55 -24.26 -28.38 8.28
CA VAL C 55 -24.77 -27.13 7.68
C VAL C 55 -24.57 -27.19 6.16
N MET C 56 -23.36 -27.56 5.71
CA MET C 56 -22.98 -27.66 4.29
C MET C 56 -23.79 -28.71 3.52
N MET C 57 -24.14 -29.84 4.18
CA MET C 57 -24.91 -30.91 3.54
C MET C 57 -26.37 -30.57 3.24
N LYS C 58 -26.89 -29.46 3.81
CA LYS C 58 -28.26 -29.00 3.58
C LYS C 58 -28.32 -27.74 2.69
N LEU C 59 -27.19 -27.35 2.08
CA LEU C 59 -27.11 -26.19 1.20
C LEU C 59 -26.64 -26.65 -0.17
N SER C 60 -27.60 -26.80 -1.10
CA SER C 60 -27.34 -27.31 -2.45
C SER C 60 -27.32 -26.25 -3.52
N HIS C 61 -26.12 -25.91 -3.99
CA HIS C 61 -25.91 -24.93 -5.06
C HIS C 61 -24.72 -25.38 -5.94
N PRO C 62 -24.80 -25.22 -7.29
CA PRO C 62 -23.67 -25.65 -8.16
C PRO C 62 -22.31 -24.99 -7.87
N LYS C 63 -22.32 -23.84 -7.17
CA LYS C 63 -21.11 -23.09 -6.84
C LYS C 63 -20.69 -23.19 -5.37
N LEU C 64 -21.23 -24.20 -4.66
CA LEU C 64 -20.90 -24.52 -3.27
C LEU C 64 -20.42 -25.96 -3.20
N VAL C 65 -19.25 -26.18 -2.57
CA VAL C 65 -18.65 -27.51 -2.43
C VAL C 65 -19.61 -28.51 -1.74
N GLN C 66 -19.55 -29.78 -2.16
CA GLN C 66 -20.42 -30.86 -1.66
C GLN C 66 -19.63 -31.90 -0.89
N LEU C 67 -20.33 -32.62 0.01
CA LEU C 67 -19.74 -33.68 0.83
C LEU C 67 -20.41 -35.01 0.56
N TYR C 68 -19.63 -36.09 0.67
CA TYR C 68 -20.13 -37.47 0.54
C TYR C 68 -20.63 -37.92 1.91
N GLY C 69 -19.99 -37.40 2.97
CA GLY C 69 -20.36 -37.73 4.34
C GLY C 69 -19.29 -37.44 5.37
N VAL C 70 -19.53 -37.95 6.59
CA VAL C 70 -18.63 -37.77 7.74
C VAL C 70 -18.14 -39.12 8.28
N CYS C 71 -16.91 -39.14 8.79
CA CYS C 71 -16.31 -40.33 9.38
C CYS C 71 -15.97 -39.97 10.83
N LEU C 72 -16.94 -40.21 11.74
CA LEU C 72 -16.84 -39.87 13.16
C LEU C 72 -16.50 -41.01 14.14
N GLU C 73 -16.38 -42.26 13.65
CA GLU C 73 -16.09 -43.47 14.44
C GLU C 73 -14.85 -43.35 15.32
N GLN C 74 -13.66 -43.19 14.71
CA GLN C 74 -12.39 -43.11 15.43
C GLN C 74 -11.69 -41.77 15.25
N ALA C 75 -10.93 -41.35 16.28
CA ALA C 75 -10.15 -40.12 16.26
C ALA C 75 -8.81 -40.36 15.54
N PRO C 76 -8.34 -39.46 14.64
CA PRO C 76 -8.94 -38.18 14.24
C PRO C 76 -10.09 -38.33 13.25
N ILE C 77 -11.20 -37.63 13.53
CA ILE C 77 -12.41 -37.65 12.69
C ILE C 77 -12.18 -36.91 11.37
N CYS C 78 -12.95 -37.25 10.33
CA CYS C 78 -12.77 -36.60 9.03
C CYS C 78 -14.05 -36.30 8.27
N LEU C 79 -13.97 -35.33 7.34
CA LEU C 79 -15.04 -34.92 6.45
C LEU C 79 -14.66 -35.41 5.06
N VAL C 80 -15.61 -36.05 4.37
CA VAL C 80 -15.37 -36.60 3.04
C VAL C 80 -16.00 -35.69 1.99
N PHE C 81 -15.16 -34.84 1.36
CA PHE C 81 -15.60 -33.89 0.33
C PHE C 81 -15.42 -34.46 -1.06
N GLU C 82 -16.12 -33.88 -2.05
CA GLU C 82 -15.92 -34.21 -3.45
C GLU C 82 -14.51 -33.67 -3.81
N PHE C 83 -13.79 -34.36 -4.69
CA PHE C 83 -12.45 -33.92 -5.06
C PHE C 83 -12.53 -32.86 -6.16
N MET C 84 -11.86 -31.71 -5.93
CA MET C 84 -11.80 -30.61 -6.89
C MET C 84 -10.43 -30.65 -7.54
N GLU C 85 -10.39 -31.07 -8.83
CA GLU C 85 -9.20 -31.30 -9.66
C GLU C 85 -8.07 -30.27 -9.58
N HIS C 86 -8.40 -28.98 -9.57
CA HIS C 86 -7.39 -27.91 -9.56
C HIS C 86 -7.09 -27.26 -8.20
N GLY C 87 -7.62 -27.85 -7.14
CA GLY C 87 -7.37 -27.40 -5.77
C GLY C 87 -7.89 -26.03 -5.42
N CYS C 88 -7.18 -25.33 -4.50
CA CYS C 88 -7.63 -24.01 -4.06
C CYS C 88 -7.35 -22.89 -5.07
N LEU C 89 -8.28 -21.93 -5.13
CA LEU C 89 -8.25 -20.80 -6.06
C LEU C 89 -6.99 -19.94 -5.96
N SER C 90 -6.53 -19.61 -4.73
CA SER C 90 -5.35 -18.79 -4.49
C SER C 90 -4.09 -19.36 -5.16
N ASP C 91 -3.83 -20.67 -4.97
CA ASP C 91 -2.71 -21.37 -5.57
C ASP C 91 -2.87 -21.49 -7.09
N TYR C 92 -4.11 -21.77 -7.55
CA TYR C 92 -4.44 -21.91 -8.97
C TYR C 92 -4.15 -20.63 -9.79
N LEU C 93 -4.51 -19.45 -9.23
CA LEU C 93 -4.28 -18.16 -9.89
C LEU C 93 -2.79 -17.87 -10.06
N ARG C 94 -1.98 -18.20 -9.03
CA ARG C 94 -0.52 -18.00 -9.01
C ARG C 94 0.21 -18.92 -9.99
N THR C 95 -0.15 -20.22 -10.04
CA THR C 95 0.49 -21.20 -10.92
C THR C 95 0.16 -20.97 -12.40
N GLN C 96 -1.07 -20.51 -12.69
CA GLN C 96 -1.52 -20.25 -14.06
C GLN C 96 -1.43 -18.76 -14.45
N ARG C 97 -0.65 -17.95 -13.68
CA ARG C 97 -0.46 -16.52 -13.92
C ARG C 97 0.13 -16.27 -15.32
N GLY C 98 -0.50 -15.36 -16.06
CA GLY C 98 -0.09 -15.00 -17.42
C GLY C 98 -0.84 -15.75 -18.49
N LEU C 99 -1.60 -16.79 -18.11
CA LEU C 99 -2.37 -17.63 -19.03
C LEU C 99 -3.87 -17.34 -18.97
N PHE C 100 -4.28 -16.35 -18.15
CA PHE C 100 -5.68 -16.01 -17.97
C PHE C 100 -6.16 -14.87 -18.86
N ALA C 101 -7.32 -15.08 -19.49
CA ALA C 101 -8.02 -14.06 -20.28
C ALA C 101 -8.89 -13.32 -19.26
N ALA C 102 -9.19 -12.03 -19.50
CA ALA C 102 -10.01 -11.20 -18.60
C ALA C 102 -11.42 -11.80 -18.38
N GLU C 103 -12.03 -12.38 -19.44
CA GLU C 103 -13.35 -13.01 -19.40
C GLU C 103 -13.37 -14.19 -18.43
N THR C 104 -12.27 -14.96 -18.36
CA THR C 104 -12.12 -16.12 -17.47
C THR C 104 -12.10 -15.66 -16.01
N LEU C 105 -11.37 -14.56 -15.72
CA LEU C 105 -11.25 -14.00 -14.38
C LEU C 105 -12.59 -13.47 -13.88
N LEU C 106 -13.37 -12.82 -14.78
CA LEU C 106 -14.71 -12.33 -14.46
C LEU C 106 -15.65 -13.51 -14.19
N GLY C 107 -15.49 -14.58 -14.97
CA GLY C 107 -16.26 -15.82 -14.84
C GLY C 107 -16.07 -16.46 -13.48
N MET C 108 -14.83 -16.44 -12.97
CA MET C 108 -14.47 -16.95 -11.64
C MET C 108 -15.19 -16.16 -10.55
N CYS C 109 -15.21 -14.81 -10.68
CA CYS C 109 -15.89 -13.91 -9.76
C CYS C 109 -17.40 -14.14 -9.77
N LEU C 110 -17.97 -14.38 -10.97
CA LEU C 110 -19.40 -14.67 -11.14
C LEU C 110 -19.78 -15.98 -10.44
N ASP C 111 -18.90 -17.02 -10.54
CA ASP C 111 -19.10 -18.31 -9.88
C ASP C 111 -19.22 -18.13 -8.37
N VAL C 112 -18.25 -17.42 -7.75
CA VAL C 112 -18.22 -17.14 -6.31
C VAL C 112 -19.46 -16.32 -5.92
N CYS C 113 -19.79 -15.28 -6.72
CA CYS C 113 -20.95 -14.43 -6.47
C CYS C 113 -22.27 -15.20 -6.46
N GLU C 114 -22.41 -16.21 -7.34
CA GLU C 114 -23.60 -17.06 -7.42
C GLU C 114 -23.79 -17.85 -6.14
N GLY C 115 -22.72 -18.49 -5.66
CA GLY C 115 -22.71 -19.27 -4.43
C GLY C 115 -23.03 -18.39 -3.23
N MET C 116 -22.44 -17.19 -3.20
CA MET C 116 -22.64 -16.21 -2.13
C MET C 116 -24.05 -15.63 -2.11
N ALA C 117 -24.65 -15.41 -3.31
CA ALA C 117 -26.02 -14.91 -3.44
C ALA C 117 -27.02 -15.93 -2.87
N TYR C 118 -26.71 -17.23 -3.01
CA TYR C 118 -27.52 -18.33 -2.48
C TYR C 118 -27.43 -18.34 -0.95
N LEU C 119 -26.19 -18.24 -0.40
CA LEU C 119 -25.95 -18.22 1.05
C LEU C 119 -26.57 -16.99 1.71
N GLU C 120 -26.50 -15.83 1.04
CA GLU C 120 -27.08 -14.56 1.48
C GLU C 120 -28.60 -14.70 1.68
N GLU C 121 -29.29 -15.33 0.70
CA GLU C 121 -30.73 -15.57 0.77
C GLU C 121 -31.07 -16.60 1.85
N ALA C 122 -30.17 -17.56 2.11
CA ALA C 122 -30.32 -18.58 3.14
C ALA C 122 -29.90 -18.07 4.53
N CYS C 123 -29.50 -16.77 4.60
CA CYS C 123 -29.03 -16.06 5.80
C CYS C 123 -27.82 -16.74 6.46
N VAL C 124 -26.92 -17.27 5.61
CA VAL C 124 -25.68 -17.92 6.01
C VAL C 124 -24.54 -16.94 5.76
N ILE C 125 -23.88 -16.53 6.84
CA ILE C 125 -22.75 -15.60 6.79
C ILE C 125 -21.48 -16.47 6.74
N HIS C 126 -20.65 -16.26 5.70
CA HIS C 126 -19.41 -17.03 5.52
C HIS C 126 -18.38 -16.72 6.60
N ARG C 127 -18.06 -15.42 6.80
CA ARG C 127 -17.10 -14.88 7.78
C ARG C 127 -15.62 -15.00 7.38
N ASP C 128 -15.28 -15.90 6.44
CA ASP C 128 -13.90 -16.13 6.00
C ASP C 128 -13.77 -16.28 4.48
N LEU C 129 -14.49 -15.44 3.72
CA LEU C 129 -14.46 -15.52 2.26
C LEU C 129 -13.15 -14.94 1.73
N ALA C 130 -12.39 -15.78 1.00
CA ALA C 130 -11.08 -15.46 0.40
C ALA C 130 -10.78 -16.49 -0.68
N ALA C 131 -9.84 -16.19 -1.60
CA ALA C 131 -9.45 -17.10 -2.68
C ALA C 131 -8.94 -18.44 -2.14
N ARG C 132 -8.25 -18.43 -0.98
CA ARG C 132 -7.75 -19.63 -0.30
C ARG C 132 -8.89 -20.57 0.15
N ASN C 133 -10.11 -20.00 0.33
CA ASN C 133 -11.31 -20.74 0.76
C ASN C 133 -12.28 -21.08 -0.38
N CYS C 134 -11.78 -20.99 -1.63
CA CYS C 134 -12.53 -21.35 -2.83
C CYS C 134 -11.80 -22.48 -3.54
N LEU C 135 -12.54 -23.31 -4.29
CA LEU C 135 -11.96 -24.46 -5.00
C LEU C 135 -12.17 -24.39 -6.51
N VAL C 136 -11.23 -24.97 -7.27
CA VAL C 136 -11.27 -24.99 -8.74
C VAL C 136 -11.45 -26.43 -9.20
N GLY C 137 -12.51 -26.68 -9.95
CA GLY C 137 -12.81 -28.00 -10.46
C GLY C 137 -12.63 -28.12 -11.97
N GLU C 138 -13.30 -29.13 -12.57
CA GLU C 138 -13.27 -29.38 -14.01
C GLU C 138 -13.87 -28.18 -14.75
N ASN C 139 -13.22 -27.81 -15.88
CA ASN C 139 -13.59 -26.67 -16.75
C ASN C 139 -13.50 -25.31 -16.02
N GLN C 140 -12.59 -25.22 -15.02
CA GLN C 140 -12.30 -24.04 -14.20
C GLN C 140 -13.51 -23.52 -13.39
N VAL C 141 -14.48 -24.40 -13.08
CA VAL C 141 -15.66 -24.02 -12.28
C VAL C 141 -15.18 -23.72 -10.85
N ILE C 142 -15.61 -22.58 -10.30
CA ILE C 142 -15.22 -22.18 -8.95
C ILE C 142 -16.34 -22.47 -7.96
N LYS C 143 -15.99 -23.14 -6.86
CA LYS C 143 -16.93 -23.45 -5.79
C LYS C 143 -16.45 -22.83 -4.49
N VAL C 144 -17.37 -22.25 -3.72
CA VAL C 144 -17.08 -21.68 -2.42
C VAL C 144 -16.98 -22.85 -1.44
N SER C 145 -15.94 -22.84 -0.59
CA SER C 145 -15.72 -23.88 0.42
C SER C 145 -15.73 -23.27 1.82
N ASP C 146 -15.72 -24.14 2.87
CA ASP C 146 -15.70 -23.78 4.29
C ASP C 146 -16.77 -22.71 4.66
N PHE C 147 -18.01 -22.91 4.16
CA PHE C 147 -19.14 -22.00 4.36
C PHE C 147 -20.07 -22.36 5.53
N GLY C 148 -19.69 -23.37 6.31
CA GLY C 148 -20.46 -23.84 7.45
C GLY C 148 -19.96 -23.43 8.83
N MET C 149 -18.91 -22.60 8.89
CA MET C 149 -18.31 -22.12 10.15
C MET C 149 -19.24 -21.21 10.94
N THR C 150 -19.23 -21.34 12.29
CA THR C 150 -20.05 -20.55 13.20
C THR C 150 -19.32 -19.28 13.65
N PHE C 166 -3.02 -12.68 6.85
CA PHE C 166 -3.72 -12.09 7.99
C PHE C 166 -5.24 -12.02 7.75
N PRO C 167 -6.09 -12.42 8.73
CA PRO C 167 -7.55 -12.38 8.51
C PRO C 167 -8.14 -10.97 8.32
N VAL C 168 -7.46 -9.94 8.86
CA VAL C 168 -7.86 -8.52 8.76
C VAL C 168 -7.84 -8.00 7.31
N LYS C 169 -7.04 -8.62 6.43
CA LYS C 169 -6.91 -8.25 5.01
C LYS C 169 -8.21 -8.47 4.21
N TRP C 170 -9.11 -9.34 4.71
CA TRP C 170 -10.42 -9.63 4.10
C TRP C 170 -11.56 -9.08 4.96
N ALA C 171 -11.22 -8.39 6.05
CA ALA C 171 -12.18 -7.83 7.02
C ALA C 171 -12.63 -6.41 6.71
N SER C 172 -13.95 -6.18 6.83
CA SER C 172 -14.57 -4.86 6.66
C SER C 172 -14.31 -4.00 7.91
N PRO C 173 -14.42 -2.64 7.87
CA PRO C 173 -14.15 -1.84 9.07
C PRO C 173 -14.97 -2.22 10.30
N GLU C 174 -16.27 -2.55 10.12
CA GLU C 174 -17.13 -2.98 11.24
C GLU C 174 -16.74 -4.34 11.83
N VAL C 175 -15.99 -5.17 11.07
CA VAL C 175 -15.50 -6.48 11.52
C VAL C 175 -14.21 -6.32 12.32
N PHE C 176 -13.19 -5.61 11.79
CA PHE C 176 -11.93 -5.43 12.50
C PHE C 176 -12.00 -4.54 13.75
N SER C 177 -13.05 -3.69 13.85
CA SER C 177 -13.26 -2.80 14.98
C SER C 177 -14.31 -3.28 15.98
N PHE C 178 -15.46 -3.82 15.49
CA PHE C 178 -16.57 -4.23 16.36
C PHE C 178 -17.03 -5.70 16.24
N SER C 179 -16.42 -6.49 15.34
CA SER C 179 -16.77 -7.91 15.07
C SER C 179 -18.24 -8.08 14.64
N ARG C 180 -18.76 -7.09 13.86
CA ARG C 180 -20.12 -7.08 13.34
C ARG C 180 -20.18 -7.79 11.99
N TYR C 181 -20.43 -9.11 12.02
CA TYR C 181 -20.50 -9.95 10.83
C TYR C 181 -21.92 -9.97 10.23
N SER C 182 -21.99 -9.87 8.89
CA SER C 182 -23.22 -9.90 8.11
C SER C 182 -22.89 -10.28 6.66
N SER C 183 -23.91 -10.35 5.79
CA SER C 183 -23.70 -10.64 4.37
C SER C 183 -22.98 -9.48 3.70
N LYS C 184 -23.13 -8.25 4.24
CA LYS C 184 -22.45 -7.05 3.73
C LYS C 184 -20.96 -7.05 4.09
N SER C 185 -20.57 -7.74 5.18
CA SER C 185 -19.17 -7.88 5.56
C SER C 185 -18.54 -8.95 4.65
N ASP C 186 -19.34 -9.95 4.23
CA ASP C 186 -18.93 -10.99 3.28
C ASP C 186 -18.71 -10.32 1.91
N VAL C 187 -19.54 -9.29 1.59
CA VAL C 187 -19.45 -8.49 0.35
C VAL C 187 -18.08 -7.80 0.29
N TRP C 188 -17.62 -7.21 1.42
CA TRP C 188 -16.30 -6.58 1.49
C TRP C 188 -15.23 -7.62 1.15
N SER C 189 -15.28 -8.81 1.81
CA SER C 189 -14.37 -9.94 1.59
C SER C 189 -14.36 -10.37 0.12
N PHE C 190 -15.55 -10.36 -0.52
CA PHE C 190 -15.72 -10.71 -1.94
C PHE C 190 -14.98 -9.70 -2.84
N GLY C 191 -14.99 -8.42 -2.45
CA GLY C 191 -14.26 -7.36 -3.16
C GLY C 191 -12.77 -7.64 -3.15
N VAL C 192 -12.26 -8.10 -2.00
CA VAL C 192 -10.85 -8.47 -1.82
C VAL C 192 -10.56 -9.73 -2.66
N LEU C 193 -11.49 -10.70 -2.68
CA LEU C 193 -11.41 -11.94 -3.47
C LEU C 193 -11.33 -11.58 -4.96
N MET C 194 -12.16 -10.61 -5.41
CA MET C 194 -12.18 -10.11 -6.79
C MET C 194 -10.81 -9.59 -7.19
N TRP C 195 -10.16 -8.85 -6.27
CA TRP C 195 -8.81 -8.29 -6.45
C TRP C 195 -7.79 -9.43 -6.55
N GLU C 196 -7.91 -10.47 -5.70
CA GLU C 196 -7.01 -11.64 -5.72
C GLU C 196 -7.08 -12.33 -7.09
N VAL C 197 -8.31 -12.46 -7.65
CA VAL C 197 -8.58 -13.08 -8.94
C VAL C 197 -7.95 -12.24 -10.08
N PHE C 198 -8.32 -10.94 -10.19
CA PHE C 198 -7.82 -10.04 -11.22
C PHE C 198 -6.32 -9.74 -11.18
N SER C 199 -5.69 -9.83 -9.99
CA SER C 199 -4.24 -9.64 -9.83
C SER C 199 -3.49 -10.96 -10.03
N GLU C 200 -4.23 -12.05 -10.32
CA GLU C 200 -3.72 -13.41 -10.56
C GLU C 200 -2.98 -14.00 -9.34
N GLY C 201 -3.64 -13.96 -8.19
CA GLY C 201 -3.12 -14.53 -6.95
C GLY C 201 -2.17 -13.71 -6.13
N LYS C 202 -2.12 -12.37 -6.33
CA LYS C 202 -1.26 -11.51 -5.53
C LYS C 202 -1.82 -11.41 -4.09
N ILE C 203 -0.96 -11.20 -3.11
CA ILE C 203 -1.36 -11.07 -1.70
C ILE C 203 -1.87 -9.64 -1.46
N PRO C 204 -3.12 -9.48 -0.95
CA PRO C 204 -3.62 -8.12 -0.67
C PRO C 204 -2.86 -7.49 0.49
N TYR C 205 -2.51 -6.19 0.37
CA TYR C 205 -1.77 -5.43 1.38
C TYR C 205 -0.49 -6.16 1.79
N GLU C 206 0.31 -6.57 0.79
CA GLU C 206 1.55 -7.31 1.00
C GLU C 206 2.56 -6.56 1.88
N ASN C 207 3.17 -7.27 2.84
CA ASN C 207 4.15 -6.77 3.82
C ASN C 207 3.61 -5.72 4.80
N ARG C 208 2.28 -5.55 4.84
CA ARG C 208 1.61 -4.62 5.74
C ARG C 208 1.13 -5.39 6.97
N SER C 209 1.46 -4.88 8.17
CA SER C 209 1.02 -5.49 9.44
C SER C 209 -0.46 -5.20 9.67
N ASN C 210 -1.08 -5.88 10.66
CA ASN C 210 -2.49 -5.72 11.04
C ASN C 210 -2.82 -4.26 11.33
N SER C 211 -1.95 -3.57 12.10
CA SER C 211 -2.07 -2.16 12.44
C SER C 211 -1.98 -1.28 11.20
N GLU C 212 -1.07 -1.63 10.26
CA GLU C 212 -0.87 -0.89 9.02
C GLU C 212 -2.09 -0.97 8.09
N VAL C 213 -2.75 -2.15 8.02
CA VAL C 213 -3.95 -2.31 7.18
C VAL C 213 -5.15 -1.52 7.74
N VAL C 214 -5.32 -1.55 9.09
CA VAL C 214 -6.38 -0.81 9.80
C VAL C 214 -6.19 0.69 9.55
N GLU C 215 -4.93 1.17 9.63
CA GLU C 215 -4.56 2.57 9.37
C GLU C 215 -4.87 2.95 7.93
N ASP C 216 -4.41 2.15 6.95
CA ASP C 216 -4.61 2.37 5.52
C ASP C 216 -6.08 2.42 5.12
N ILE C 217 -6.89 1.40 5.50
CA ILE C 217 -8.32 1.35 5.20
C ILE C 217 -9.09 2.53 5.83
N SER C 218 -8.74 2.90 7.08
CA SER C 218 -9.35 4.02 7.80
C SER C 218 -9.01 5.39 7.19
N THR C 219 -7.87 5.50 6.47
CA THR C 219 -7.45 6.75 5.82
C THR C 219 -8.04 6.91 4.41
N GLY C 220 -8.58 5.81 3.87
CA GLY C 220 -9.20 5.80 2.55
C GLY C 220 -8.48 4.98 1.51
N PHE C 221 -7.37 4.31 1.90
CA PHE C 221 -6.62 3.46 0.97
C PHE C 221 -7.48 2.27 0.56
N ARG C 222 -7.41 1.92 -0.71
CA ARG C 222 -8.09 0.77 -1.29
C ARG C 222 -7.10 0.07 -2.20
N LEU C 223 -7.20 -1.26 -2.32
CA LEU C 223 -6.32 -2.06 -3.18
C LEU C 223 -6.28 -1.49 -4.61
N TYR C 224 -5.06 -1.34 -5.15
CA TYR C 224 -4.78 -0.77 -6.47
C TYR C 224 -5.50 -1.53 -7.58
N LYS C 225 -5.82 -0.84 -8.70
CA LYS C 225 -6.49 -1.48 -9.81
C LYS C 225 -5.53 -2.45 -10.52
N PRO C 226 -5.84 -3.78 -10.54
CA PRO C 226 -4.96 -4.72 -11.24
C PRO C 226 -5.03 -4.49 -12.75
N ARG C 227 -3.92 -4.75 -13.45
CA ARG C 227 -3.79 -4.60 -14.92
C ARG C 227 -4.98 -5.20 -15.68
N LEU C 228 -5.30 -6.48 -15.40
CA LEU C 228 -6.37 -7.21 -16.08
C LEU C 228 -7.80 -6.77 -15.73
N ALA C 229 -7.95 -5.93 -14.68
CA ALA C 229 -9.26 -5.41 -14.29
C ALA C 229 -9.53 -4.08 -14.96
N SER C 230 -10.62 -4.01 -15.74
CA SER C 230 -11.04 -2.76 -16.41
C SER C 230 -11.64 -1.82 -15.37
N THR C 231 -11.83 -0.53 -15.72
CA THR C 231 -12.42 0.46 -14.82
C THR C 231 -13.84 0.06 -14.40
N HIS C 232 -14.57 -0.66 -15.29
CA HIS C 232 -15.93 -1.17 -15.03
C HIS C 232 -15.89 -2.29 -13.98
N VAL C 233 -14.92 -3.21 -14.10
CA VAL C 233 -14.71 -4.31 -13.16
C VAL C 233 -14.27 -3.72 -11.81
N TYR C 234 -13.32 -2.76 -11.85
CA TYR C 234 -12.79 -2.08 -10.65
C TYR C 234 -13.86 -1.27 -9.91
N GLN C 235 -14.86 -0.72 -10.65
CA GLN C 235 -15.98 0.03 -10.08
C GLN C 235 -16.80 -0.88 -9.14
N ILE C 236 -17.00 -2.16 -9.55
CA ILE C 236 -17.71 -3.18 -8.77
C ILE C 236 -16.93 -3.50 -7.48
N MET C 237 -15.59 -3.67 -7.58
CA MET C 237 -14.68 -3.91 -6.45
C MET C 237 -14.81 -2.79 -5.42
N ASN C 238 -14.83 -1.54 -5.90
CA ASN C 238 -14.95 -0.32 -5.07
C ASN C 238 -16.28 -0.25 -4.33
N HIS C 239 -17.38 -0.75 -4.95
CA HIS C 239 -18.71 -0.79 -4.33
C HIS C 239 -18.71 -1.73 -3.12
N CYS C 240 -17.94 -2.83 -3.19
CA CYS C 240 -17.77 -3.80 -2.10
C CYS C 240 -16.99 -3.17 -0.95
N TRP C 241 -16.10 -2.21 -1.28
CA TRP C 241 -15.23 -1.53 -0.33
C TRP C 241 -15.74 -0.21 0.26
N LYS C 242 -17.08 -0.01 0.27
CA LYS C 242 -17.68 1.20 0.88
C LYS C 242 -17.53 1.05 2.39
N GLU C 243 -17.19 2.15 3.09
CA GLU C 243 -16.98 2.18 4.53
C GLU C 243 -18.14 1.60 5.34
N ARG C 244 -19.38 1.97 4.98
CA ARG C 244 -20.59 1.52 5.66
C ARG C 244 -21.21 0.28 5.00
N PRO C 245 -21.65 -0.74 5.78
CA PRO C 245 -22.24 -1.94 5.17
C PRO C 245 -23.50 -1.70 4.35
N GLU C 246 -24.33 -0.71 4.75
CA GLU C 246 -25.57 -0.34 4.05
C GLU C 246 -25.32 0.24 2.65
N ASP C 247 -24.14 0.85 2.43
CA ASP C 247 -23.74 1.44 1.16
C ASP C 247 -23.18 0.42 0.18
N ARG C 248 -22.86 -0.79 0.66
CA ARG C 248 -22.36 -1.89 -0.18
C ARG C 248 -23.54 -2.63 -0.83
N PRO C 249 -23.42 -3.09 -2.10
CA PRO C 249 -24.55 -3.83 -2.69
C PRO C 249 -24.62 -5.27 -2.18
N ALA C 250 -25.84 -5.84 -2.17
CA ALA C 250 -26.05 -7.24 -1.76
C ALA C 250 -25.50 -8.15 -2.86
N PHE C 251 -25.20 -9.42 -2.53
CA PHE C 251 -24.69 -10.40 -3.51
C PHE C 251 -25.64 -10.59 -4.70
N SER C 252 -26.97 -10.52 -4.44
CA SER C 252 -28.00 -10.63 -5.47
C SER C 252 -27.89 -9.50 -6.48
N ARG C 253 -27.56 -8.27 -6.02
CA ARG C 253 -27.37 -7.09 -6.86
C ARG C 253 -26.02 -7.16 -7.59
N LEU C 254 -24.94 -7.54 -6.86
CA LEU C 254 -23.57 -7.70 -7.39
C LEU C 254 -23.54 -8.68 -8.57
N LEU C 255 -24.31 -9.76 -8.46
CA LEU C 255 -24.43 -10.81 -9.47
C LEU C 255 -24.86 -10.26 -10.83
N ARG C 256 -25.88 -9.40 -10.84
CA ARG C 256 -26.39 -8.80 -12.06
C ARG C 256 -25.48 -7.69 -12.59
N GLN C 257 -24.74 -7.00 -11.68
CA GLN C 257 -23.78 -5.95 -12.05
C GLN C 257 -22.59 -6.58 -12.77
N LEU C 258 -22.06 -7.70 -12.24
CA LEU C 258 -20.94 -8.45 -12.83
C LEU C 258 -21.33 -9.07 -14.17
N ALA C 259 -22.57 -9.60 -14.27
CA ALA C 259 -23.12 -10.21 -15.49
C ALA C 259 -23.27 -9.22 -16.66
N GLU C 260 -23.66 -7.96 -16.36
CA GLU C 260 -23.84 -6.89 -17.35
C GLU C 260 -22.51 -6.48 -18.01
N ILE C 261 -21.41 -6.50 -17.22
CA ILE C 261 -20.06 -6.16 -17.66
C ILE C 261 -19.51 -7.21 -18.65
N ALA C 262 -19.95 -8.47 -18.52
CA ALA C 262 -19.57 -9.59 -19.39
C ALA C 262 -20.19 -9.43 -20.78
N GLY D 1 16.28 41.13 -19.21
CA GLY D 1 15.07 40.35 -19.02
C GLY D 1 14.32 40.73 -17.76
N SER D 2 13.81 41.99 -17.71
CA SER D 2 13.05 42.60 -16.60
C SER D 2 13.80 42.55 -15.26
N VAL D 3 14.81 43.42 -15.11
CA VAL D 3 15.64 43.49 -13.91
C VAL D 3 15.06 44.46 -12.87
N ILE D 4 14.83 43.97 -11.64
CA ILE D 4 14.31 44.71 -10.49
C ILE D 4 15.47 44.95 -9.51
N ASP D 5 15.63 46.20 -9.04
CA ASP D 5 16.66 46.60 -8.07
C ASP D 5 16.28 46.09 -6.67
N PRO D 6 17.25 45.56 -5.85
CA PRO D 6 16.91 45.06 -4.50
C PRO D 6 16.23 46.07 -3.57
N SER D 7 16.50 47.38 -3.75
CA SER D 7 15.94 48.47 -2.95
C SER D 7 14.42 48.66 -3.18
N GLU D 8 13.90 48.13 -4.29
CA GLU D 8 12.47 48.21 -4.68
C GLU D 8 11.64 47.12 -4.01
N LEU D 9 12.29 46.09 -3.44
CA LEU D 9 11.61 44.98 -2.79
C LEU D 9 11.56 45.11 -1.28
N THR D 10 10.38 44.90 -0.70
CA THR D 10 10.15 44.91 0.75
C THR D 10 9.83 43.48 1.15
N PHE D 11 10.66 42.87 2.01
CA PHE D 11 10.46 41.50 2.49
C PHE D 11 9.60 41.54 3.77
N VAL D 12 8.35 41.06 3.67
CA VAL D 12 7.40 41.07 4.78
C VAL D 12 7.45 39.80 5.64
N GLN D 13 7.17 38.62 5.05
CA GLN D 13 7.12 37.37 5.80
C GLN D 13 7.44 36.15 4.95
N GLU D 14 8.21 35.19 5.52
CA GLU D 14 8.54 33.93 4.88
C GLU D 14 7.25 33.10 4.85
N ILE D 15 6.83 32.68 3.65
CA ILE D 15 5.57 31.92 3.46
C ILE D 15 5.75 30.49 2.94
N GLY D 16 6.97 30.17 2.49
CA GLY D 16 7.32 28.86 1.97
C GLY D 16 8.80 28.59 1.89
N SER D 17 9.17 27.30 1.88
CA SER D 17 10.54 26.82 1.78
C SER D 17 10.59 25.57 0.88
N GLY D 18 11.56 25.56 -0.03
CA GLY D 18 11.76 24.46 -0.98
C GLY D 18 13.18 23.93 -1.05
N GLN D 19 13.42 22.99 -1.98
CA GLN D 19 14.72 22.36 -2.19
C GLN D 19 15.65 23.29 -2.96
N GLY D 21 13.53 27.23 -3.81
CA GLY D 21 14.10 27.82 -2.60
C GLY D 21 13.06 28.40 -1.67
N LEU D 22 13.43 29.51 -0.97
CA LEU D 22 12.56 30.20 -0.03
C LEU D 22 11.61 31.17 -0.73
N VAL D 23 10.35 31.24 -0.25
CA VAL D 23 9.33 32.16 -0.78
C VAL D 23 8.91 33.12 0.34
N HIS D 24 8.96 34.43 0.04
CA HIS D 24 8.58 35.49 0.97
C HIS D 24 7.42 36.31 0.40
N LEU D 25 6.48 36.69 1.27
CA LEU D 25 5.41 37.61 0.92
C LEU D 25 6.08 38.98 0.99
N GLY D 26 5.84 39.81 -0.02
CA GLY D 26 6.45 41.13 -0.06
C GLY D 26 5.73 42.15 -0.91
N TYR D 27 6.41 43.28 -1.12
CA TYR D 27 5.90 44.38 -1.94
C TYR D 27 6.98 44.85 -2.90
N TRP D 28 6.57 45.21 -4.12
CA TRP D 28 7.47 45.78 -5.12
C TRP D 28 7.02 47.22 -5.32
N LEU D 29 7.98 48.17 -5.16
CA LEU D 29 7.78 49.63 -5.25
C LEU D 29 6.76 50.13 -4.20
N ASN D 30 6.67 49.42 -3.04
CA ASN D 30 5.75 49.68 -1.92
C ASN D 30 4.28 49.76 -2.41
N LYS D 31 3.93 48.92 -3.40
CA LYS D 31 2.61 48.91 -4.04
C LYS D 31 2.03 47.50 -4.25
N ASP D 32 2.61 46.72 -5.17
CA ASP D 32 2.12 45.38 -5.54
C ASP D 32 2.55 44.31 -4.58
N LYS D 33 1.59 43.49 -4.12
CA LYS D 33 1.86 42.32 -3.30
C LYS D 33 2.57 41.30 -4.20
N VAL D 34 3.72 40.81 -3.76
CA VAL D 34 4.51 39.86 -4.55
C VAL D 34 4.92 38.64 -3.75
N ALA D 35 5.27 37.55 -4.46
CA ALA D 35 5.80 36.32 -3.86
C ALA D 35 7.23 36.25 -4.37
N ILE D 36 8.18 36.60 -3.49
CA ILE D 36 9.59 36.65 -3.82
C ILE D 36 10.24 35.29 -3.58
N LYS D 37 10.69 34.63 -4.66
CA LYS D 37 11.33 33.32 -4.58
C LYS D 37 12.85 33.45 -4.64
N THR D 38 13.53 33.33 -3.48
CA THR D 38 14.99 33.42 -3.41
C THR D 38 15.65 32.05 -3.57
N ILE D 39 16.78 32.01 -4.28
CA ILE D 39 17.56 30.79 -4.56
C ILE D 39 18.11 30.12 -3.27
N ARG D 40 18.19 28.78 -3.27
CA ARG D 40 18.70 27.99 -2.15
C ARG D 40 20.13 27.53 -2.41
N ALA D 43 18.55 22.60 -7.02
CA ALA D 43 19.87 22.38 -6.46
C ALA D 43 20.59 23.67 -5.93
N MET D 44 20.85 24.74 -6.73
CA MET D 44 20.60 25.01 -8.16
C MET D 44 21.57 26.09 -8.65
N SER D 45 21.96 26.04 -9.93
CA SER D 45 22.86 27.05 -10.50
C SER D 45 22.07 28.33 -10.75
N GLU D 46 22.71 29.49 -10.49
CA GLU D 46 22.11 30.82 -10.66
C GLU D 46 21.62 31.07 -12.09
N GLU D 47 22.37 30.56 -13.10
CA GLU D 47 22.06 30.69 -14.53
C GLU D 47 20.76 29.99 -14.93
N ASP D 48 20.54 28.74 -14.44
CA ASP D 48 19.34 27.95 -14.71
C ASP D 48 18.10 28.55 -14.05
N PHE D 49 18.28 29.17 -12.87
CA PHE D 49 17.24 29.83 -12.09
C PHE D 49 16.66 31.04 -12.85
N ILE D 50 17.54 31.82 -13.50
CA ILE D 50 17.17 33.00 -14.31
C ILE D 50 16.53 32.55 -15.64
N GLU D 51 17.10 31.50 -16.29
CA GLU D 51 16.60 30.95 -17.56
C GLU D 51 15.17 30.44 -17.45
N GLU D 52 14.80 29.84 -16.29
CA GLU D 52 13.45 29.35 -16.00
C GLU D 52 12.45 30.52 -16.06
N ALA D 53 12.83 31.66 -15.46
CA ALA D 53 12.01 32.89 -15.44
C ALA D 53 11.89 33.49 -16.83
N GLU D 54 13.00 33.47 -17.63
CA GLU D 54 13.02 33.98 -19.01
C GLU D 54 12.06 33.20 -19.92
N VAL D 55 11.90 31.89 -19.66
CA VAL D 55 10.98 31.02 -20.40
C VAL D 55 9.53 31.38 -20.02
N MET D 56 9.26 31.44 -18.70
CA MET D 56 7.93 31.77 -18.13
C MET D 56 7.43 33.16 -18.52
N MET D 57 8.34 34.15 -18.62
CA MET D 57 7.98 35.52 -18.98
C MET D 57 7.52 35.69 -20.44
N LYS D 58 7.75 34.67 -21.29
CA LYS D 58 7.33 34.68 -22.69
C LYS D 58 6.16 33.71 -22.96
N LEU D 59 5.50 33.23 -21.89
CA LEU D 59 4.36 32.31 -21.99
C LEU D 59 3.16 32.91 -21.25
N SER D 60 2.25 33.52 -22.02
CA SER D 60 1.08 34.20 -21.48
C SER D 60 -0.24 33.45 -21.63
N HIS D 61 -0.73 32.91 -20.51
CA HIS D 61 -2.00 32.19 -20.44
C HIS D 61 -2.65 32.44 -19.06
N PRO D 62 -3.98 32.62 -18.97
CA PRO D 62 -4.62 32.87 -17.65
C PRO D 62 -4.41 31.81 -16.58
N LYS D 63 -4.03 30.58 -16.97
CA LYS D 63 -3.82 29.47 -16.03
C LYS D 63 -2.34 29.11 -15.82
N LEU D 64 -1.44 30.06 -16.12
CA LEU D 64 0.00 29.94 -15.93
C LEU D 64 0.48 31.14 -15.13
N VAL D 65 1.24 30.89 -14.04
CA VAL D 65 1.78 31.94 -13.16
C VAL D 65 2.60 33.00 -13.92
N GLN D 66 2.51 34.26 -13.46
CA GLN D 66 3.21 35.39 -14.06
C GLN D 66 4.25 35.99 -13.12
N LEU D 67 5.27 36.65 -13.71
CA LEU D 67 6.36 37.28 -12.98
C LEU D 67 6.39 38.78 -13.23
N TYR D 68 6.82 39.56 -12.23
CA TYR D 68 7.01 41.01 -12.33
C TYR D 68 8.41 41.28 -12.87
N GLY D 69 9.33 40.36 -12.56
CA GLY D 69 10.71 40.45 -13.00
C GLY D 69 11.68 39.63 -12.18
N VAL D 70 12.97 39.87 -12.41
CA VAL D 70 14.08 39.18 -11.74
C VAL D 70 14.98 40.16 -10.99
N CYS D 71 15.53 39.73 -9.86
CA CYS D 71 16.45 40.54 -9.06
C CYS D 71 17.76 39.76 -9.01
N LEU D 72 18.69 40.11 -9.92
CA LEU D 72 19.98 39.42 -10.10
C LEU D 72 21.24 40.15 -9.61
N GLU D 73 21.10 41.40 -9.11
CA GLU D 73 22.20 42.24 -8.62
C GLU D 73 23.05 41.55 -7.54
N GLN D 74 22.46 41.30 -6.36
CA GLN D 74 23.15 40.67 -5.21
C GLN D 74 22.72 39.23 -4.96
N ALA D 75 23.63 38.43 -4.36
CA ALA D 75 23.39 37.03 -4.00
C ALA D 75 22.83 36.94 -2.55
N PRO D 76 21.78 36.12 -2.28
CA PRO D 76 21.06 35.21 -3.19
C PRO D 76 20.08 35.93 -4.11
N ILE D 77 20.04 35.49 -5.38
CA ILE D 77 19.15 36.04 -6.41
C ILE D 77 17.69 35.62 -6.19
N CYS D 78 16.75 36.41 -6.70
CA CYS D 78 15.33 36.11 -6.51
C CYS D 78 14.44 36.41 -7.71
N LEU D 79 13.31 35.69 -7.78
CA LEU D 79 12.29 35.87 -8.82
C LEU D 79 11.11 36.55 -8.17
N VAL D 80 10.59 37.60 -8.81
CA VAL D 80 9.46 38.36 -8.28
C VAL D 80 8.19 37.89 -8.99
N PHE D 81 7.41 37.02 -8.33
CA PHE D 81 6.17 36.47 -8.88
C PHE D 81 4.97 37.27 -8.39
N GLU D 82 3.83 37.11 -9.07
CA GLU D 82 2.56 37.68 -8.66
C GLU D 82 2.14 36.90 -7.38
N PHE D 83 1.47 37.57 -6.44
CA PHE D 83 1.05 36.91 -5.22
C PHE D 83 -0.27 36.17 -5.41
N MET D 84 -0.27 34.86 -5.14
CA MET D 84 -1.46 34.02 -5.24
C MET D 84 -2.01 33.84 -3.84
N GLU D 85 -3.16 34.48 -3.56
CA GLU D 85 -3.87 34.56 -2.28
C GLU D 85 -3.96 33.28 -1.43
N HIS D 86 -4.20 32.12 -2.08
CA HIS D 86 -4.39 30.86 -1.35
C HIS D 86 -3.22 29.85 -1.39
N GLY D 87 -2.04 30.31 -1.78
CA GLY D 87 -0.82 29.52 -1.82
C GLY D 87 -0.81 28.35 -2.77
N CYS D 88 -0.01 27.31 -2.47
CA CYS D 88 0.09 26.15 -3.34
C CYS D 88 -1.10 25.19 -3.21
N LEU D 89 -1.51 24.60 -4.34
CA LEU D 89 -2.63 23.68 -4.47
C LEU D 89 -2.60 22.50 -3.50
N SER D 90 -1.43 21.85 -3.32
CA SER D 90 -1.26 20.70 -2.43
C SER D 90 -1.67 21.04 -0.98
N ASP D 91 -1.17 22.17 -0.45
CA ASP D 91 -1.48 22.65 0.90
C ASP D 91 -2.93 23.09 1.01
N TYR D 92 -3.46 23.81 -0.02
CA TYR D 92 -4.84 24.29 -0.06
C TYR D 92 -5.86 23.15 -0.04
N LEU D 93 -5.55 22.02 -0.74
CA LEU D 93 -6.40 20.84 -0.78
C LEU D 93 -6.44 20.14 0.59
N ARG D 94 -5.27 20.03 1.26
CA ARG D 94 -5.10 19.41 2.58
C ARG D 94 -5.79 20.18 3.70
N THR D 95 -5.63 21.52 3.72
CA THR D 95 -6.21 22.40 4.73
C THR D 95 -7.73 22.54 4.61
N GLN D 96 -8.26 22.58 3.38
CA GLN D 96 -9.69 22.73 3.12
C GLN D 96 -10.42 21.40 2.85
N ARG D 97 -9.83 20.27 3.32
CA ARG D 97 -10.37 18.91 3.17
C ARG D 97 -11.74 18.77 3.85
N GLY D 98 -12.69 18.20 3.11
CA GLY D 98 -14.05 18.01 3.58
C GLY D 98 -15.01 19.11 3.18
N LEU D 99 -14.46 20.27 2.77
CA LEU D 99 -15.23 21.45 2.37
C LEU D 99 -15.37 21.59 0.84
N PHE D 100 -14.72 20.69 0.06
CA PHE D 100 -14.76 20.72 -1.40
C PHE D 100 -15.91 19.93 -2.00
N ALA D 101 -16.50 20.48 -3.06
CA ALA D 101 -17.55 19.85 -3.86
C ALA D 101 -16.87 19.20 -5.06
N ALA D 102 -17.49 18.15 -5.64
CA ALA D 102 -16.96 17.41 -6.80
C ALA D 102 -16.73 18.30 -8.02
N GLU D 103 -17.65 19.26 -8.28
CA GLU D 103 -17.58 20.21 -9.39
C GLU D 103 -16.41 21.19 -9.25
N THR D 104 -16.05 21.55 -7.99
CA THR D 104 -14.93 22.45 -7.68
C THR D 104 -13.60 21.77 -7.99
N LEU D 105 -13.46 20.49 -7.59
CA LEU D 105 -12.25 19.68 -7.83
C LEU D 105 -12.02 19.48 -9.33
N LEU D 106 -13.11 19.26 -10.10
CA LEU D 106 -13.04 19.10 -11.55
C LEU D 106 -12.65 20.42 -12.22
N GLY D 107 -13.15 21.53 -11.68
CA GLY D 107 -12.83 22.88 -12.13
C GLY D 107 -11.34 23.17 -11.99
N MET D 108 -10.73 22.67 -10.89
CA MET D 108 -9.30 22.81 -10.62
C MET D 108 -8.49 22.06 -11.66
N CYS D 109 -8.92 20.82 -12.00
CA CYS D 109 -8.27 19.98 -13.01
C CYS D 109 -8.37 20.63 -14.39
N LEU D 110 -9.53 21.25 -14.70
CA LEU D 110 -9.80 21.97 -15.95
C LEU D 110 -8.86 23.16 -16.10
N ASP D 111 -8.62 23.91 -14.99
CA ASP D 111 -7.71 25.06 -14.95
C ASP D 111 -6.29 24.62 -15.32
N VAL D 112 -5.78 23.55 -14.67
CA VAL D 112 -4.44 22.99 -14.91
C VAL D 112 -4.34 22.51 -16.36
N CYS D 113 -5.37 21.80 -16.85
CA CYS D 113 -5.43 21.27 -18.21
C CYS D 113 -5.37 22.37 -19.27
N GLU D 114 -6.01 23.54 -19.01
CA GLU D 114 -6.00 24.69 -19.93
C GLU D 114 -4.59 25.22 -20.09
N GLY D 115 -3.90 25.43 -18.96
CA GLY D 115 -2.51 25.90 -18.93
C GLY D 115 -1.57 24.92 -19.58
N MET D 116 -1.82 23.61 -19.36
CA MET D 116 -1.02 22.54 -19.93
C MET D 116 -1.25 22.37 -21.43
N ALA D 117 -2.50 22.59 -21.92
CA ALA D 117 -2.84 22.51 -23.36
C ALA D 117 -2.12 23.62 -24.12
N TYR D 118 -1.95 24.80 -23.47
CA TYR D 118 -1.23 25.94 -24.02
C TYR D 118 0.26 25.60 -24.14
N LEU D 119 0.87 25.03 -23.07
CA LEU D 119 2.28 24.64 -23.04
C LEU D 119 2.57 23.53 -24.04
N GLU D 120 1.63 22.57 -24.20
CA GLU D 120 1.71 21.46 -25.13
C GLU D 120 1.82 21.99 -26.58
N GLU D 121 0.99 22.99 -26.94
CA GLU D 121 0.99 23.63 -28.27
C GLU D 121 2.29 24.40 -28.52
N ALA D 122 2.85 25.04 -27.45
CA ALA D 122 4.10 25.80 -27.52
C ALA D 122 5.35 24.89 -27.46
N CYS D 123 5.13 23.55 -27.39
CA CYS D 123 6.15 22.50 -27.28
C CYS D 123 7.05 22.69 -26.04
N VAL D 124 6.41 23.10 -24.93
CA VAL D 124 7.07 23.31 -23.64
C VAL D 124 6.68 22.16 -22.71
N ILE D 125 7.68 21.38 -22.28
CA ILE D 125 7.51 20.24 -21.38
C ILE D 125 7.77 20.74 -19.96
N HIS D 126 6.81 20.50 -19.05
CA HIS D 126 6.88 20.92 -17.65
C HIS D 126 7.95 20.15 -16.87
N ARG D 127 7.93 18.80 -16.99
CA ARG D 127 8.83 17.82 -16.33
C ARG D 127 8.54 17.56 -14.86
N ASP D 128 7.89 18.51 -14.15
CA ASP D 128 7.57 18.35 -12.73
C ASP D 128 6.14 18.82 -12.39
N LEU D 129 5.14 18.32 -13.15
CA LEU D 129 3.74 18.69 -12.91
C LEU D 129 3.19 17.90 -11.74
N ALA D 130 2.84 18.62 -10.66
CA ALA D 130 2.29 18.08 -9.41
C ALA D 130 1.50 19.17 -8.71
N ALA D 131 0.61 18.80 -7.75
CA ALA D 131 -0.20 19.75 -6.99
C ALA D 131 0.65 20.78 -6.23
N ARG D 132 1.86 20.39 -5.78
CA ARG D 132 2.81 21.27 -5.09
C ARG D 132 3.35 22.38 -6.01
N ASN D 133 3.30 22.15 -7.35
CA ASN D 133 3.78 23.10 -8.35
C ASN D 133 2.64 23.90 -9.01
N CYS D 134 1.45 23.90 -8.38
CA CYS D 134 0.29 24.68 -8.82
C CYS D 134 -0.07 25.69 -7.74
N LEU D 135 -0.71 26.80 -8.11
CA LEU D 135 -1.08 27.86 -7.17
C LEU D 135 -2.57 28.18 -7.19
N VAL D 136 -3.11 28.66 -6.05
CA VAL D 136 -4.52 28.99 -5.90
C VAL D 136 -4.65 30.50 -5.67
N GLY D 137 -5.39 31.16 -6.55
CA GLY D 137 -5.63 32.60 -6.48
C GLY D 137 -7.01 32.92 -5.98
N GLU D 138 -7.48 34.16 -6.25
CA GLU D 138 -8.81 34.62 -5.88
C GLU D 138 -9.85 33.86 -6.69
N ASN D 139 -10.99 33.51 -6.05
CA ASN D 139 -12.10 32.74 -6.62
C ASN D 139 -11.70 31.30 -7.01
N GLN D 140 -10.71 30.74 -6.27
CA GLN D 140 -10.16 29.39 -6.42
C GLN D 140 -9.56 29.09 -7.81
N VAL D 141 -9.08 30.13 -8.52
CA VAL D 141 -8.47 29.98 -9.85
C VAL D 141 -7.12 29.27 -9.69
N ILE D 142 -6.90 28.18 -10.44
CA ILE D 142 -5.66 27.42 -10.37
C ILE D 142 -4.71 27.80 -11.50
N LYS D 143 -3.47 28.11 -11.15
CA LYS D 143 -2.43 28.44 -12.10
C LYS D 143 -1.27 27.46 -11.96
N VAL D 144 -0.70 27.06 -13.09
CA VAL D 144 0.46 26.16 -13.12
C VAL D 144 1.72 27.02 -12.89
N SER D 145 2.60 26.58 -11.98
CA SER D 145 3.86 27.27 -11.66
C SER D 145 5.06 26.37 -11.97
N ASP D 146 6.30 26.94 -11.92
CA ASP D 146 7.58 26.26 -12.17
C ASP D 146 7.58 25.49 -13.51
N PHE D 147 7.07 26.12 -14.57
CA PHE D 147 6.92 25.53 -15.91
C PHE D 147 8.05 25.84 -16.91
N GLY D 148 9.10 26.53 -16.46
CA GLY D 148 10.23 26.91 -17.30
C GLY D 148 11.49 26.08 -17.13
N MET D 149 11.40 24.95 -16.40
CA MET D 149 12.52 24.04 -16.12
C MET D 149 13.06 23.36 -17.37
N PHE D 166 9.65 13.06 -2.74
CA PHE D 166 8.68 12.37 -3.57
C PHE D 166 8.95 12.62 -5.07
N PRO D 167 9.87 11.85 -5.71
CA PRO D 167 10.21 12.13 -7.12
C PRO D 167 9.49 11.30 -8.20
N VAL D 168 9.69 9.96 -8.18
CA VAL D 168 9.16 8.98 -9.13
C VAL D 168 7.62 8.83 -9.17
N LYS D 169 6.92 9.31 -8.12
CA LYS D 169 5.46 9.23 -7.96
C LYS D 169 4.64 9.92 -9.06
N TRP D 170 5.25 10.86 -9.81
CA TRP D 170 4.63 11.61 -10.91
C TRP D 170 5.27 11.27 -12.27
N ALA D 171 6.25 10.34 -12.26
CA ALA D 171 6.99 9.92 -13.45
C ALA D 171 6.34 8.80 -14.24
N SER D 172 6.31 8.95 -15.57
CA SER D 172 5.79 7.95 -16.50
C SER D 172 6.83 6.81 -16.67
N PRO D 173 6.49 5.59 -17.17
CA PRO D 173 7.51 4.53 -17.31
C PRO D 173 8.73 4.92 -18.14
N GLU D 174 8.54 5.67 -19.24
CA GLU D 174 9.65 6.11 -20.10
C GLU D 174 10.56 7.16 -19.45
N VAL D 175 10.04 7.87 -18.41
CA VAL D 175 10.78 8.88 -17.65
C VAL D 175 11.66 8.22 -16.57
N PHE D 176 11.08 7.31 -15.76
CA PHE D 176 11.86 6.64 -14.72
C PHE D 176 12.85 5.58 -15.21
N SER D 177 12.72 5.13 -16.48
CA SER D 177 13.58 4.11 -17.07
C SER D 177 14.56 4.65 -18.12
N PHE D 178 14.09 5.55 -19.02
CA PHE D 178 14.90 6.09 -20.12
C PHE D 178 15.02 7.63 -20.15
N SER D 179 14.37 8.33 -19.20
CA SER D 179 14.34 9.81 -19.09
C SER D 179 13.79 10.50 -20.35
N ARG D 180 12.82 9.84 -21.02
CA ARG D 180 12.19 10.35 -22.23
C ARG D 180 11.05 11.32 -21.87
N TYR D 181 11.37 12.62 -21.80
CA TYR D 181 10.40 13.66 -21.47
C TYR D 181 9.70 14.17 -22.73
N SER D 182 8.36 14.33 -22.63
CA SER D 182 7.49 14.84 -23.69
C SER D 182 6.21 15.40 -23.05
N SER D 183 5.25 15.87 -23.88
CA SER D 183 3.97 16.36 -23.37
C SER D 183 3.13 15.19 -22.87
N LYS D 184 3.35 13.98 -23.44
CA LYS D 184 2.66 12.75 -23.02
C LYS D 184 3.15 12.27 -21.65
N SER D 185 4.42 12.59 -21.28
CA SER D 185 4.96 12.26 -19.96
C SER D 185 4.34 13.23 -18.94
N ASP D 186 4.07 14.49 -19.37
CA ASP D 186 3.40 15.51 -18.55
C ASP D 186 1.93 15.08 -18.34
N VAL D 187 1.34 14.39 -19.34
CA VAL D 187 -0.04 13.86 -19.30
C VAL D 187 -0.16 12.84 -18.16
N TRP D 188 0.85 11.94 -18.00
CA TRP D 188 0.90 10.96 -16.91
C TRP D 188 0.89 11.70 -15.56
N SER D 189 1.75 12.75 -15.44
CA SER D 189 1.88 13.59 -14.25
C SER D 189 0.54 14.27 -13.93
N PHE D 190 -0.20 14.73 -14.97
CA PHE D 190 -1.51 15.36 -14.83
C PHE D 190 -2.52 14.37 -14.23
N GLY D 191 -2.43 13.10 -14.64
CA GLY D 191 -3.26 12.03 -14.11
C GLY D 191 -3.06 11.86 -12.61
N VAL D 192 -1.77 11.93 -12.17
CA VAL D 192 -1.39 11.85 -10.76
C VAL D 192 -1.87 13.12 -10.04
N LEU D 193 -1.75 14.30 -10.70
CA LEU D 193 -2.23 15.58 -10.17
C LEU D 193 -3.76 15.49 -9.96
N MET D 194 -4.48 14.91 -10.93
CA MET D 194 -5.94 14.69 -10.87
C MET D 194 -6.30 13.87 -9.64
N TRP D 195 -5.48 12.83 -9.35
CA TRP D 195 -5.64 11.96 -8.18
C TRP D 195 -5.42 12.79 -6.90
N GLU D 196 -4.39 13.66 -6.88
CA GLU D 196 -4.10 14.55 -5.74
C GLU D 196 -5.27 15.50 -5.45
N VAL D 197 -5.89 16.05 -6.52
CA VAL D 197 -7.03 16.97 -6.43
C VAL D 197 -8.28 16.26 -5.89
N PHE D 198 -8.69 15.14 -6.51
CA PHE D 198 -9.86 14.40 -6.08
C PHE D 198 -9.74 13.69 -4.73
N SER D 199 -8.49 13.44 -4.27
CA SER D 199 -8.23 12.82 -2.96
C SER D 199 -8.03 13.89 -1.87
N GLU D 200 -8.16 15.18 -2.25
CA GLU D 200 -8.02 16.36 -1.37
C GLU D 200 -6.64 16.49 -0.71
N GLY D 201 -5.60 16.35 -1.52
CA GLY D 201 -4.20 16.51 -1.09
C GLY D 201 -3.48 15.29 -0.56
N LYS D 202 -4.02 14.07 -0.78
CA LYS D 202 -3.37 12.83 -0.33
C LYS D 202 -2.07 12.61 -1.09
N ILE D 203 -1.06 12.01 -0.44
CA ILE D 203 0.24 11.73 -1.04
C ILE D 203 0.11 10.48 -1.94
N PRO D 204 0.51 10.55 -3.24
CA PRO D 204 0.42 9.34 -4.09
C PRO D 204 1.44 8.29 -3.66
N TYR D 205 1.00 7.00 -3.62
CA TYR D 205 1.82 5.84 -3.22
C TYR D 205 2.42 6.04 -1.81
N GLU D 206 1.62 6.63 -0.88
CA GLU D 206 2.03 6.93 0.49
C GLU D 206 2.32 5.67 1.32
N ASN D 207 3.54 5.53 1.88
CA ASN D 207 4.68 6.45 1.73
C ASN D 207 5.78 5.75 0.92
N ARG D 208 5.42 4.59 0.30
CA ARG D 208 6.19 3.65 -0.52
C ARG D 208 7.44 4.20 -1.21
N SER D 209 8.55 3.43 -1.12
CA SER D 209 9.84 3.75 -1.71
C SER D 209 9.78 3.79 -3.24
N ASN D 210 10.78 4.44 -3.88
CA ASN D 210 10.89 4.58 -5.33
C ASN D 210 10.81 3.24 -6.08
N SER D 211 11.47 2.19 -5.54
CA SER D 211 11.49 0.84 -6.10
C SER D 211 10.10 0.19 -6.07
N GLU D 212 9.32 0.45 -5.00
CA GLU D 212 7.97 -0.10 -4.80
C GLU D 212 6.95 0.44 -5.81
N VAL D 213 6.98 1.77 -6.09
CA VAL D 213 6.07 2.37 -7.07
C VAL D 213 6.42 1.92 -8.50
N VAL D 214 7.74 1.87 -8.83
CA VAL D 214 8.26 1.39 -10.12
C VAL D 214 7.77 -0.05 -10.37
N GLU D 215 7.90 -0.93 -9.35
CA GLU D 215 7.44 -2.32 -9.40
C GLU D 215 5.93 -2.43 -9.60
N ASP D 216 5.13 -1.60 -8.88
CA ASP D 216 3.67 -1.57 -9.00
C ASP D 216 3.23 -1.10 -10.39
N ILE D 217 3.85 -0.02 -10.90
CA ILE D 217 3.56 0.54 -12.24
C ILE D 217 3.95 -0.46 -13.34
N SER D 218 5.16 -1.08 -13.22
CA SER D 218 5.67 -2.06 -14.18
C SER D 218 4.82 -3.34 -14.23
N THR D 219 4.19 -3.73 -13.10
CA THR D 219 3.31 -4.89 -13.02
C THR D 219 1.89 -4.59 -13.53
N GLY D 220 1.64 -3.32 -13.90
CA GLY D 220 0.36 -2.88 -14.44
C GLY D 220 -0.63 -2.34 -13.44
N PHE D 221 -0.25 -2.24 -12.14
CA PHE D 221 -1.11 -1.71 -11.09
C PHE D 221 -1.22 -0.19 -11.20
N ARG D 222 -2.40 0.36 -10.88
CA ARG D 222 -2.66 1.80 -10.92
C ARG D 222 -3.33 2.25 -9.64
N LEU D 223 -3.11 3.52 -9.24
CA LEU D 223 -3.69 4.13 -8.03
C LEU D 223 -5.19 3.91 -7.93
N TYR D 224 -5.67 3.68 -6.70
CA TYR D 224 -7.08 3.46 -6.41
C TYR D 224 -7.92 4.72 -6.70
N LYS D 225 -9.24 4.54 -6.87
CA LYS D 225 -10.15 5.65 -7.16
C LYS D 225 -10.47 6.44 -5.88
N PRO D 226 -10.17 7.76 -5.84
CA PRO D 226 -10.54 8.55 -4.65
C PRO D 226 -12.06 8.67 -4.56
N ARG D 227 -12.59 8.68 -3.32
CA ARG D 227 -14.03 8.76 -3.00
C ARG D 227 -14.80 9.80 -3.82
N LEU D 228 -14.26 11.03 -3.93
CA LEU D 228 -14.89 12.13 -4.67
C LEU D 228 -14.85 12.01 -6.20
N ALA D 229 -13.96 11.14 -6.73
CA ALA D 229 -13.82 10.94 -8.17
C ALA D 229 -14.85 9.93 -8.69
N SER D 230 -15.61 10.33 -9.73
CA SER D 230 -16.61 9.46 -10.36
C SER D 230 -15.91 8.42 -11.25
N THR D 231 -16.66 7.43 -11.75
CA THR D 231 -16.14 6.38 -12.64
C THR D 231 -15.53 7.01 -13.91
N HIS D 232 -16.20 8.01 -14.49
CA HIS D 232 -15.76 8.73 -15.68
C HIS D 232 -14.48 9.53 -15.43
N VAL D 233 -14.37 10.17 -14.24
CA VAL D 233 -13.19 10.94 -13.83
C VAL D 233 -12.01 9.96 -13.68
N TYR D 234 -12.27 8.79 -13.05
CA TYR D 234 -11.27 7.75 -12.85
C TYR D 234 -10.80 7.14 -14.18
N GLN D 235 -11.72 7.05 -15.18
CA GLN D 235 -11.41 6.55 -16.53
C GLN D 235 -10.39 7.47 -17.21
N ILE D 236 -10.56 8.80 -17.04
CA ILE D 236 -9.66 9.84 -17.58
C ILE D 236 -8.28 9.69 -16.93
N MET D 237 -8.24 9.47 -15.59
CA MET D 237 -6.99 9.26 -14.83
C MET D 237 -6.23 8.06 -15.43
N ASN D 238 -6.96 6.95 -15.70
CA ASN D 238 -6.38 5.75 -16.28
C ASN D 238 -5.90 5.93 -17.72
N HIS D 239 -6.56 6.84 -18.49
CA HIS D 239 -6.16 7.17 -19.87
C HIS D 239 -4.81 7.88 -19.83
N CYS D 240 -4.59 8.73 -18.81
CA CYS D 240 -3.32 9.44 -18.58
C CYS D 240 -2.25 8.45 -18.16
N TRP D 241 -2.65 7.35 -17.49
CA TRP D 241 -1.75 6.32 -16.98
C TRP D 241 -1.51 5.12 -17.91
N LYS D 242 -1.70 5.29 -19.22
CA LYS D 242 -1.44 4.22 -20.18
C LYS D 242 0.08 4.02 -20.29
N GLU D 243 0.52 2.75 -20.39
CA GLU D 243 1.93 2.35 -20.46
C GLU D 243 2.70 3.08 -21.57
N ARG D 244 2.14 3.08 -22.80
CA ARG D 244 2.75 3.72 -23.96
C ARG D 244 2.31 5.19 -24.07
N PRO D 245 3.24 6.14 -24.27
CA PRO D 245 2.85 7.56 -24.38
C PRO D 245 1.87 7.86 -25.51
N GLU D 246 1.97 7.11 -26.63
CA GLU D 246 1.07 7.25 -27.80
C GLU D 246 -0.39 6.90 -27.51
N ASP D 247 -0.61 6.05 -26.49
CA ASP D 247 -1.96 5.62 -26.07
C ASP D 247 -2.63 6.65 -25.15
N ARG D 248 -1.83 7.58 -24.59
CA ARG D 248 -2.31 8.65 -23.70
C ARG D 248 -2.93 9.79 -24.52
N PRO D 249 -4.04 10.41 -24.06
CA PRO D 249 -4.59 11.53 -24.83
C PRO D 249 -3.80 12.81 -24.65
N ALA D 250 -3.83 13.70 -25.65
CA ALA D 250 -3.15 14.99 -25.61
C ALA D 250 -3.91 15.91 -24.65
N PHE D 251 -3.23 16.93 -24.08
CA PHE D 251 -3.88 17.89 -23.17
C PHE D 251 -5.05 18.60 -23.85
N SER D 252 -4.91 18.89 -25.16
CA SER D 252 -5.94 19.50 -26.00
C SER D 252 -7.19 18.60 -26.05
N ARG D 253 -7.00 17.26 -26.11
CA ARG D 253 -8.09 16.29 -26.11
C ARG D 253 -8.65 16.14 -24.69
N LEU D 254 -7.76 16.03 -23.67
CA LEU D 254 -8.08 15.90 -22.25
C LEU D 254 -8.99 17.03 -21.76
N LEU D 255 -8.72 18.26 -22.24
CA LEU D 255 -9.48 19.47 -21.90
C LEU D 255 -10.96 19.34 -22.27
N ARG D 256 -11.25 18.86 -23.49
CA ARG D 256 -12.62 18.67 -23.98
C ARG D 256 -13.33 17.49 -23.30
N GLN D 257 -12.56 16.44 -22.93
CA GLN D 257 -13.08 15.26 -22.24
C GLN D 257 -13.54 15.64 -20.83
N LEU D 258 -12.72 16.42 -20.09
CA LEU D 258 -13.03 16.90 -18.75
C LEU D 258 -14.23 17.85 -18.75
N ALA D 259 -14.31 18.73 -19.78
CA ALA D 259 -15.41 19.68 -19.98
C ALA D 259 -16.75 18.96 -20.19
N GLU D 260 -16.74 17.82 -20.91
CA GLU D 260 -17.91 16.99 -21.19
C GLU D 260 -18.46 16.34 -19.92
N ILE D 261 -17.57 15.94 -18.98
CA ILE D 261 -17.93 15.32 -17.69
C ILE D 261 -18.64 16.34 -16.78
N ALA D 262 -18.24 17.63 -16.86
CA ALA D 262 -18.83 18.73 -16.08
C ALA D 262 -20.31 18.96 -16.44
N GLU D 263 -20.68 18.72 -17.71
CA GLU D 263 -22.05 18.87 -18.21
C GLU D 263 -22.90 17.63 -17.95
N SER D 264 -22.33 16.42 -18.18
CA SER D 264 -23.02 15.14 -17.99
C SER D 264 -23.21 14.76 -16.52
N GLY D 265 -22.18 14.99 -15.71
CA GLY D 265 -22.18 14.67 -14.28
C GLY D 265 -21.15 13.64 -13.89
#